data_6OIK
#
_entry.id   6OIK
#
_cell.length_a   1
_cell.length_b   1
_cell.length_c   1
_cell.angle_alpha   90
_cell.angle_beta   90
_cell.angle_gamma   90
#
_symmetry.space_group_name_H-M   'P 1'
#
loop_
_entity.id
_entity.type
_entity.pdbx_description
1 polymer 'Muscarinic acetylcholine receptor M2,Muscarinic acetylcholine receptor M2'
2 polymer 'Guanine nucleotide-binding protein G(o) subunit alpha'
3 polymer 'Guanine nucleotide-binding protein G(I)/G(S)/G(T) subunit beta-1'
4 polymer 'Guanine nucleotide-binding protein G(I)/G(S)/G(O) subunit gamma-2'
5 polymer 'Antibody fragment'
6 non-polymer 4-(4,5-dihydro-1,2-oxazol-3-yloxy)-N,N,N-trimethylbut-2-yn-1-aminium
7 non-polymer 3-amino-5-chloro-N-cyclopropyl-4-methyl-6-[2-(4-methylpiperazin-1-yl)-2-oxoethoxy]thieno[2,3-b]pyridine-2-carboxamide
#
loop_
_entity_poly.entity_id
_entity_poly.type
_entity_poly.pdbx_seq_one_letter_code
_entity_poly.pdbx_strand_id
1 'polypeptide(L)'
;DYKDDDDASTDSSDNSLALTSPYKTFEVVFIVLVAGSLSLVTIIGNILVMVSIKVNRHLQTVNNYFLFSLACADLIIGVF
SMNLYTLYTVIGYWPLGPVVCDLWLALDYVVSNASVMNLLIISFDRYFCVTKPLTYPVKRTTKMAGMMIAAAWVLSFILW
APAILFWQFIVGVRTVEDGECYIQFFSNAAVTFGTAIAAFYLPVIIMTVLYWHISRASKSRIKKDKKEPVANQDPVSIVA
RKIVKMTKQPAKKKPPPSREKKVTRTILAILLAFIITWAPYNVMVLINTFCAPCIPNTVWTIGYWLCYINSTINPACYAL
CNATFKKTFKHLLMCHYKNIGATRPAGLEVLFQ
;
R
2 'polypeptide(L)'
;MGCTLSAEDKAAVERSKMIEKNLKEDGISAAKDVKLLLLGAGESGKSTIVKQMKIIHEDGFSGEDVKQYKPVVYSNTIQS
LAAIVRAMDTLGIEYGDKERKADAKMVCDVVSRMEDTEPFSAELLSAMMRLWGDSGIQECFNRSREYQLNDSAKYYLDSL
DRIGAADYQPTEQDILRTRVKTTGIVETHFTFKNLHFRLFDVGGQRSERKKWIHCFEDVTAIIFCVALSGYDQVLHEDET
TNRMHESLMLFDSICNNKFFIDTSIILFLNKKDLFGEKIKKSPLTICFPEYTGPNTYEDAAAYIQAQFESKNRSPNKEIY
CHMTCATDTNNIQVVFDAVTDIIIANNLRGCGLY
;
A
3 'polypeptide(L)'
;GPGSSGSELDQLRQEAEQLKNQIRDARKACADATLSQITNNIDPVGRIQMRTRRTLRGHLAKIYAMHWGTDSRLLVSASQ
DGKLIIWDSYTTNKVHAIPLRSSWVMTCAYAPSGNYVACGGLDNICSIYNLKTREGNVRVSRELAGHTGYLSCCRFLDDN
QIVTSSGDTTCALWDIETGQQTTTFTGHTGDVMSLSLAPDTRLFVSGACDASAKLWDVREGMCRQTFTGHESDINAICFF
PNGNAFATGSDDATCRLFDLRADQELMTYSHDNIICGITSVSFSKSGRLLLAGYDDFNCNVWDALKADRAGVLAGHDNRV
SCLGVTDDGMAVATGSWDSFLKIWN
;
B
4 'polypeptide(L)' MASNNTASIAQARKLVEQLKMEANIDRIKVSKAAADLMAYCEAHAKEDPLLTPVPASENPFREKKFFCAIL G
5 'polypeptide(L)'
;DVQLVESGGGLVQPGGSRKLSCSASGFAFSSFGMHWVRQAPEKGLEWVAYISSGSGTIYYADTVKGRFTISRDDPKNTLF
LQMTSLRSEDTAMYYCVRSIYYYGSSPFDFWGQGTTLTVSSGGGGSGGGGSGGGGSDIVMTQATSSVPVTPGESVSISCR
SSKSLLHSNGNTYLYWFLQRPGQSPQLLIYRMSNLASGVPDRFSGSGSGTAFTLTISRLEAEDVGVYYCMQHLEYPLTFG
AGTKLELKGSLEVLFQ
;
H
#
loop_
_chem_comp.id
_chem_comp.type
_chem_comp.name
_chem_comp.formula
2CU non-polymer 3-amino-5-chloro-N-cyclopropyl-4-methyl-6-[2-(4-methylpiperazin-1-yl)-2-oxoethoxy]thieno[2,3-b]pyridine-2-carboxamide 'C19 H24 Cl N5 O3 S'
IXO non-polymer 4-(4,5-dihydro-1,2-oxazol-3-yloxy)-N,N,N-trimethylbut-2-yn-1-aminium 'C10 H17 N2 O2 1'
#
# COMPACT_ATOMS: atom_id res chain seq x y z
N THR A 25 30.03 -38.89 -37.81
CA THR A 25 29.59 -39.03 -36.43
C THR A 25 29.88 -37.77 -35.64
N PHE A 26 31.17 -37.47 -35.51
CA PHE A 26 31.71 -36.41 -34.67
C PHE A 26 31.15 -35.04 -35.05
N GLU A 27 31.00 -34.81 -36.36
CA GLU A 27 30.52 -33.53 -36.87
C GLU A 27 29.07 -33.28 -36.45
N VAL A 28 28.19 -34.25 -36.69
CA VAL A 28 26.78 -34.06 -36.38
C VAL A 28 26.55 -34.08 -34.88
N VAL A 29 27.38 -34.80 -34.10
CA VAL A 29 27.13 -34.80 -32.67
C VAL A 29 27.64 -33.52 -32.01
N PHE A 30 28.75 -32.92 -32.51
CA PHE A 30 29.15 -31.69 -31.84
C PHE A 30 28.25 -30.54 -32.28
N ILE A 31 27.72 -30.60 -33.50
CA ILE A 31 26.76 -29.60 -33.92
C ILE A 31 25.47 -29.71 -33.11
N VAL A 32 25.01 -30.93 -32.83
CA VAL A 32 23.77 -31.06 -32.07
C VAL A 32 23.99 -30.72 -30.59
N LEU A 33 25.21 -30.94 -30.08
CA LEU A 33 25.46 -30.52 -28.69
C LEU A 33 25.59 -29.02 -28.54
N VAL A 34 26.24 -28.31 -29.47
CA VAL A 34 26.27 -26.85 -29.35
C VAL A 34 24.90 -26.26 -29.67
N ALA A 35 24.09 -26.97 -30.45
CA ALA A 35 22.73 -26.51 -30.74
C ALA A 35 21.85 -26.61 -29.51
N GLY A 36 21.85 -27.76 -28.85
CA GLY A 36 21.16 -27.88 -27.58
C GLY A 36 21.74 -26.97 -26.51
N SER A 37 23.03 -26.66 -26.60
CA SER A 37 23.66 -25.72 -25.68
C SER A 37 23.06 -24.33 -25.82
N LEU A 38 23.04 -23.78 -27.04
CA LEU A 38 22.48 -22.45 -27.22
C LEU A 38 20.98 -22.43 -26.97
N SER A 39 20.27 -23.51 -27.30
CA SER A 39 18.83 -23.59 -27.03
C SER A 39 18.55 -23.56 -25.54
N LEU A 40 19.29 -24.35 -24.76
CA LEU A 40 19.03 -24.40 -23.33
C LEU A 40 19.51 -23.14 -22.63
N VAL A 41 20.64 -22.56 -23.05
CA VAL A 41 21.09 -21.28 -22.50
C VAL A 41 20.08 -20.19 -22.78
N THR A 42 19.51 -20.19 -23.99
CA THR A 42 18.49 -19.21 -24.36
C THR A 42 17.24 -19.37 -23.51
N ILE A 43 16.78 -20.61 -23.33
CA ILE A 43 15.52 -20.77 -22.64
C ILE A 43 15.67 -20.54 -21.14
N ILE A 44 16.84 -20.84 -20.56
CA ILE A 44 17.01 -20.58 -19.12
C ILE A 44 17.22 -19.10 -18.87
N GLY A 45 17.86 -18.40 -19.82
CA GLY A 45 17.99 -16.96 -19.68
C GLY A 45 16.65 -16.25 -19.78
N ASN A 46 15.81 -16.69 -20.72
CA ASN A 46 14.51 -16.03 -20.85
C ASN A 46 13.56 -16.43 -19.74
N ILE A 47 13.66 -17.66 -19.23
CA ILE A 47 12.78 -18.01 -18.14
C ILE A 47 13.26 -17.38 -16.84
N LEU A 48 14.56 -17.07 -16.71
CA LEU A 48 15.00 -16.37 -15.51
C LEU A 48 14.59 -14.90 -15.57
N VAL A 49 14.58 -14.31 -16.76
CA VAL A 49 14.02 -12.96 -16.91
C VAL A 49 12.52 -12.97 -16.63
N MET A 50 11.84 -14.01 -17.11
CA MET A 50 10.41 -14.15 -16.89
C MET A 50 10.08 -14.30 -15.42
N VAL A 51 10.83 -15.11 -14.68
CA VAL A 51 10.53 -15.23 -13.25
C VAL A 51 11.01 -13.99 -12.51
N SER A 52 12.06 -13.31 -13.01
CA SER A 52 12.56 -12.08 -12.40
C SER A 52 11.57 -10.93 -12.50
N ILE A 53 10.64 -10.97 -13.45
CA ILE A 53 9.46 -10.12 -13.31
C ILE A 53 8.31 -10.81 -12.58
N LYS A 54 8.18 -12.14 -12.61
CA LYS A 54 7.06 -12.77 -11.91
C LYS A 54 7.30 -12.84 -10.41
N VAL A 55 8.52 -13.17 -9.98
CA VAL A 55 8.73 -13.35 -8.54
C VAL A 55 9.04 -12.02 -7.86
N ASN A 56 9.30 -10.98 -8.65
CA ASN A 56 9.61 -9.67 -8.06
C ASN A 56 8.45 -8.69 -8.31
N ARG A 57 8.26 -7.79 -7.34
CA ARG A 57 7.24 -6.76 -7.44
C ARG A 57 7.80 -5.35 -7.50
N HIS A 58 9.10 -5.17 -7.29
CA HIS A 58 9.69 -3.85 -7.41
C HIS A 58 10.00 -3.53 -8.86
N LEU A 59 10.30 -4.54 -9.66
CA LEU A 59 10.61 -4.33 -11.08
C LEU A 59 9.36 -4.26 -11.93
N GLN A 60 8.20 -4.64 -11.38
CA GLN A 60 6.98 -4.77 -12.18
C GLN A 60 6.41 -3.41 -12.55
N THR A 61 6.89 -2.85 -13.66
CA THR A 61 6.34 -1.63 -14.23
C THR A 61 6.18 -1.81 -15.74
N VAL A 62 5.90 -0.70 -16.43
CA VAL A 62 5.51 -0.76 -17.85
C VAL A 62 6.67 -1.16 -18.75
N ASN A 63 7.90 -0.68 -18.48
CA ASN A 63 9.00 -1.03 -19.34
C ASN A 63 9.44 -2.47 -19.13
N ASN A 64 9.38 -2.95 -17.89
CA ASN A 64 9.59 -4.37 -17.70
C ASN A 64 8.41 -5.19 -18.19
N TYR A 65 7.22 -4.60 -18.33
CA TYR A 65 6.12 -5.29 -19.00
C TYR A 65 6.42 -5.46 -20.48
N PHE A 66 7.05 -4.47 -21.11
CA PHE A 66 7.43 -4.64 -22.50
C PHE A 66 8.60 -5.62 -22.63
N LEU A 67 9.47 -5.68 -21.62
CA LEU A 67 10.50 -6.72 -21.67
C LEU A 67 9.92 -8.10 -21.38
N PHE A 68 8.84 -8.15 -20.60
CA PHE A 68 8.04 -9.37 -20.46
C PHE A 68 7.42 -9.77 -21.79
N SER A 69 7.04 -8.78 -22.60
CA SER A 69 6.52 -9.06 -23.93
C SER A 69 7.59 -9.64 -24.84
N LEU A 70 8.78 -9.02 -24.86
CA LEU A 70 9.90 -9.57 -25.61
C LEU A 70 10.27 -10.96 -25.10
N ALA A 71 10.12 -11.19 -23.80
CA ALA A 71 10.40 -12.50 -23.22
C ALA A 71 9.38 -13.54 -23.68
N CYS A 72 8.10 -13.22 -23.69
CA CYS A 72 7.13 -14.21 -24.13
C CYS A 72 7.12 -14.38 -25.64
N ALA A 73 7.63 -13.40 -26.38
CA ALA A 73 7.82 -13.60 -27.82
C ALA A 73 9.01 -14.52 -28.09
N ASP A 74 10.07 -14.38 -27.30
CA ASP A 74 11.24 -15.22 -27.52
C ASP A 74 11.16 -16.57 -26.81
N LEU A 75 10.21 -16.74 -25.90
CA LEU A 75 9.94 -18.03 -25.29
C LEU A 75 9.54 -19.06 -26.33
N ILE A 76 8.73 -18.65 -27.29
CA ILE A 76 8.23 -19.53 -28.34
C ILE A 76 9.38 -19.97 -29.25
N ILE A 77 10.31 -19.07 -29.53
CA ILE A 77 11.50 -19.43 -30.30
C ILE A 77 12.40 -20.36 -29.51
N GLY A 78 12.56 -20.10 -28.21
CA GLY A 78 13.44 -20.91 -27.40
C GLY A 78 12.92 -22.33 -27.17
N VAL A 79 11.61 -22.51 -27.23
CA VAL A 79 11.01 -23.83 -27.01
C VAL A 79 11.29 -24.79 -28.17
N PHE A 80 10.97 -24.39 -29.41
CA PHE A 80 11.00 -25.34 -30.50
C PHE A 80 11.64 -24.83 -31.79
N SER A 81 12.02 -23.56 -31.88
CA SER A 81 12.40 -23.06 -33.19
C SER A 81 13.88 -23.29 -33.50
N MET A 82 14.70 -23.49 -32.47
CA MET A 82 16.12 -23.70 -32.74
C MET A 82 16.47 -25.17 -32.91
N ASN A 83 15.98 -26.04 -32.02
CA ASN A 83 16.28 -27.47 -32.08
C ASN A 83 15.69 -28.15 -33.30
N LEU A 84 14.47 -27.78 -33.72
CA LEU A 84 13.88 -28.40 -34.89
C LEU A 84 14.60 -28.00 -36.16
N TYR A 85 15.07 -26.75 -36.25
CA TYR A 85 15.91 -26.36 -37.37
C TYR A 85 17.23 -27.12 -37.40
N THR A 86 17.79 -27.46 -36.24
CA THR A 86 19.08 -28.11 -36.26
C THR A 86 18.94 -29.59 -36.57
N LEU A 87 17.85 -30.21 -36.11
CA LEU A 87 17.57 -31.57 -36.55
C LEU A 87 17.24 -31.61 -38.03
N TYR A 88 16.62 -30.54 -38.53
CA TYR A 88 16.42 -30.36 -39.97
C TYR A 88 17.74 -30.26 -40.71
N THR A 89 18.71 -29.51 -40.17
CA THR A 89 19.95 -29.30 -40.90
C THR A 89 20.96 -30.42 -40.72
N VAL A 90 20.77 -31.31 -39.74
CA VAL A 90 21.57 -32.52 -39.70
C VAL A 90 20.86 -33.66 -40.43
N ILE A 91 19.56 -33.53 -40.69
CA ILE A 91 18.89 -34.42 -41.63
C ILE A 91 19.12 -33.95 -43.06
N GLY A 92 18.89 -32.66 -43.32
CA GLY A 92 19.03 -32.12 -44.65
C GLY A 92 17.75 -31.93 -45.41
N TYR A 93 16.62 -32.32 -44.84
CA TYR A 93 15.34 -32.24 -45.53
C TYR A 93 14.23 -32.30 -44.49
N TRP A 94 13.02 -31.93 -44.91
CA TRP A 94 11.87 -31.97 -44.02
C TRP A 94 11.24 -33.36 -44.08
N PRO A 95 11.29 -34.13 -43.01
CA PRO A 95 10.76 -35.49 -43.08
C PRO A 95 9.33 -35.63 -42.52
N LEU A 96 8.66 -34.53 -42.20
CA LEU A 96 7.49 -34.60 -41.34
C LEU A 96 6.19 -34.20 -42.06
N GLY A 97 6.26 -33.81 -43.33
CA GLY A 97 5.05 -33.50 -44.07
C GLY A 97 4.78 -32.02 -44.26
N PRO A 98 3.81 -31.70 -45.12
CA PRO A 98 3.67 -30.32 -45.58
C PRO A 98 2.75 -29.45 -44.75
N VAL A 99 2.31 -29.96 -43.60
CA VAL A 99 1.43 -29.21 -42.72
C VAL A 99 2.25 -28.87 -41.48
N VAL A 100 3.08 -29.83 -41.07
CA VAL A 100 3.98 -29.59 -39.94
C VAL A 100 4.98 -28.48 -40.27
N CYS A 101 5.54 -28.48 -41.48
CA CYS A 101 6.54 -27.47 -41.80
C CYS A 101 5.90 -26.12 -42.04
N ASP A 102 4.73 -26.06 -42.66
CA ASP A 102 4.20 -24.74 -42.98
C ASP A 102 3.58 -24.08 -41.75
N LEU A 103 2.98 -24.86 -40.84
CA LEU A 103 2.51 -24.25 -39.60
C LEU A 103 3.67 -23.95 -38.64
N TRP A 104 4.72 -24.77 -38.64
CA TRP A 104 5.91 -24.49 -37.82
C TRP A 104 6.61 -23.23 -38.29
N LEU A 105 6.82 -23.10 -39.61
CA LEU A 105 7.43 -21.90 -40.16
C LEU A 105 6.52 -20.69 -40.00
N ALA A 106 5.20 -20.90 -40.04
CA ALA A 106 4.25 -19.81 -39.83
C ALA A 106 4.37 -19.24 -38.43
N LEU A 107 4.35 -20.11 -37.42
CA LEU A 107 4.47 -19.64 -36.05
C LEU A 107 5.84 -19.05 -35.78
N ASP A 108 6.88 -19.64 -36.38
CA ASP A 108 8.24 -19.15 -36.17
C ASP A 108 8.43 -17.74 -36.72
N TYR A 109 7.96 -17.52 -37.95
CA TYR A 109 8.11 -16.14 -38.45
C TYR A 109 7.24 -15.20 -37.65
N VAL A 110 6.03 -15.59 -37.38
CA VAL A 110 5.15 -14.60 -36.77
C VAL A 110 5.65 -14.21 -35.39
N VAL A 111 6.30 -15.12 -34.66
CA VAL A 111 6.79 -14.70 -33.35
C VAL A 111 8.12 -13.99 -33.47
N SER A 112 8.89 -14.24 -34.53
CA SER A 112 10.08 -13.42 -34.76
C SER A 112 9.68 -11.99 -35.10
N ASN A 113 8.65 -11.82 -35.91
CA ASN A 113 8.18 -10.47 -36.21
C ASN A 113 7.50 -9.85 -35.00
N ALA A 114 6.92 -10.68 -34.13
CA ALA A 114 6.35 -10.19 -32.88
C ALA A 114 7.44 -9.64 -31.96
N SER A 115 8.56 -10.34 -31.91
CA SER A 115 9.70 -9.90 -31.12
C SER A 115 10.23 -8.57 -31.63
N VAL A 116 10.40 -8.44 -32.94
CA VAL A 116 10.95 -7.20 -33.46
C VAL A 116 9.92 -6.06 -33.36
N MET A 117 8.63 -6.40 -33.35
CA MET A 117 7.62 -5.37 -33.17
C MET A 117 7.58 -4.83 -31.75
N ASN A 118 7.68 -5.71 -30.73
CA ASN A 118 7.69 -5.19 -29.37
C ASN A 118 9.02 -4.50 -29.07
N LEU A 119 10.07 -4.87 -29.78
CA LEU A 119 11.32 -4.14 -29.65
C LEU A 119 11.16 -2.73 -30.23
N LEU A 120 10.40 -2.61 -31.32
CA LEU A 120 10.11 -1.29 -31.88
C LEU A 120 9.28 -0.45 -30.91
N ILE A 121 8.29 -1.06 -30.26
CA ILE A 121 7.48 -0.26 -29.35
C ILE A 121 8.24 0.04 -28.06
N ILE A 122 9.25 -0.78 -27.71
CA ILE A 122 10.18 -0.42 -26.64
C ILE A 122 10.94 0.84 -27.00
N SER A 123 11.39 0.93 -28.25
CA SER A 123 12.10 2.13 -28.70
C SER A 123 11.19 3.36 -28.71
N PHE A 124 9.93 3.20 -29.14
CA PHE A 124 8.99 4.31 -29.13
C PHE A 124 8.69 4.78 -27.70
N ASP A 125 8.52 3.81 -26.79
CA ASP A 125 8.38 4.07 -25.36
C ASP A 125 9.55 4.86 -24.80
N ARG A 126 10.77 4.51 -25.17
CA ARG A 126 11.93 5.21 -24.64
C ARG A 126 12.02 6.62 -25.20
N TYR A 127 11.64 6.81 -26.46
CA TYR A 127 11.65 8.16 -27.05
C TYR A 127 10.65 9.06 -26.39
N PHE A 128 9.44 8.56 -26.10
CA PHE A 128 8.49 9.43 -25.45
C PHE A 128 8.79 9.61 -23.97
N CYS A 129 9.46 8.64 -23.35
CA CYS A 129 9.90 8.81 -21.97
C CYS A 129 10.99 9.86 -21.82
N VAL A 130 11.92 9.96 -22.76
CA VAL A 130 12.97 10.96 -22.61
C VAL A 130 12.54 12.31 -23.17
N THR A 131 12.01 12.35 -24.40
CA THR A 131 11.71 13.62 -25.06
C THR A 131 10.55 14.37 -24.41
N LYS A 132 9.47 13.68 -24.05
CA LYS A 132 8.35 14.27 -23.32
C LYS A 132 8.35 13.67 -21.92
N PRO A 133 9.25 14.13 -21.04
CA PRO A 133 9.45 13.42 -19.78
C PRO A 133 8.35 13.64 -18.75
N LEU A 134 7.94 14.89 -18.56
CA LEU A 134 6.93 15.29 -17.59
C LEU A 134 5.52 14.91 -18.03
N THR A 135 5.34 14.46 -19.27
CA THR A 135 4.01 14.27 -19.82
C THR A 135 3.74 12.84 -20.26
N TYR A 136 4.75 12.05 -20.61
CA TYR A 136 4.49 10.69 -21.07
C TYR A 136 3.98 9.73 -19.99
N PRO A 137 4.36 9.83 -18.71
CA PRO A 137 3.59 9.08 -17.69
C PRO A 137 2.17 9.57 -17.51
N VAL A 138 1.83 10.77 -17.95
CA VAL A 138 0.45 11.25 -17.90
C VAL A 138 -0.34 10.78 -19.12
N LYS A 139 0.29 10.75 -20.29
CA LYS A 139 -0.40 10.41 -21.53
C LYS A 139 -0.55 8.92 -21.76
N ARG A 140 -0.25 8.08 -20.78
CA ARG A 140 -0.45 6.64 -20.94
C ARG A 140 -0.64 6.00 -19.57
N THR A 141 -1.35 4.87 -19.56
CA THR A 141 -1.47 3.99 -18.40
C THR A 141 -1.17 2.57 -18.88
N THR A 142 -1.44 1.58 -18.02
CA THR A 142 -1.23 0.18 -18.35
C THR A 142 -2.12 -0.28 -19.50
N LYS A 143 -3.29 0.34 -19.66
CA LYS A 143 -4.16 0.03 -20.78
C LYS A 143 -3.53 0.45 -22.11
N MET A 144 -2.74 1.52 -22.10
CA MET A 144 -2.09 1.97 -23.34
C MET A 144 -0.96 1.03 -23.73
N ALA A 145 -0.20 0.57 -22.74
CA ALA A 145 0.82 -0.44 -23.00
C ALA A 145 0.20 -1.74 -23.48
N GLY A 146 -0.97 -2.10 -22.93
CA GLY A 146 -1.71 -3.24 -23.44
C GLY A 146 -2.17 -3.06 -24.87
N MET A 147 -2.61 -1.85 -25.23
CA MET A 147 -2.99 -1.53 -26.59
C MET A 147 -1.81 -1.71 -27.54
N MET A 148 -0.63 -1.27 -27.11
CA MET A 148 0.52 -1.35 -28.01
C MET A 148 1.06 -2.77 -28.15
N ILE A 149 1.09 -3.56 -27.07
CA ILE A 149 1.52 -4.95 -27.21
C ILE A 149 0.52 -5.76 -28.06
N ALA A 150 -0.78 -5.49 -27.88
CA ALA A 150 -1.78 -6.23 -28.64
C ALA A 150 -1.74 -5.85 -30.11
N ALA A 151 -1.53 -4.55 -30.39
CA ALA A 151 -1.41 -4.09 -31.77
C ALA A 151 -0.17 -4.64 -32.44
N ALA A 152 0.93 -4.77 -31.69
CA ALA A 152 2.14 -5.35 -32.24
C ALA A 152 1.94 -6.82 -32.60
N TRP A 153 1.32 -7.60 -31.70
CA TRP A 153 1.12 -9.02 -31.97
C TRP A 153 0.15 -9.25 -33.13
N VAL A 154 -0.97 -8.51 -33.16
CA VAL A 154 -1.91 -8.73 -34.25
C VAL A 154 -1.42 -8.15 -35.56
N LEU A 155 -0.55 -7.13 -35.54
CA LEU A 155 -0.03 -6.60 -36.78
C LEU A 155 1.00 -7.56 -37.36
N SER A 156 1.79 -8.21 -36.50
CA SER A 156 2.65 -9.31 -36.95
C SER A 156 1.83 -10.47 -37.51
N PHE A 157 0.68 -10.76 -36.90
CA PHE A 157 -0.17 -11.85 -37.35
C PHE A 157 -0.73 -11.57 -38.74
N ILE A 158 -1.30 -10.39 -38.93
CA ILE A 158 -1.90 -10.03 -40.21
C ILE A 158 -0.83 -9.71 -41.25
N LEU A 159 0.42 -9.54 -40.81
CA LEU A 159 1.48 -9.47 -41.78
C LEU A 159 1.87 -10.85 -42.30
N TRP A 160 2.16 -11.81 -41.42
CA TRP A 160 2.76 -13.06 -41.87
C TRP A 160 1.80 -14.23 -42.07
N ALA A 161 0.84 -14.46 -41.17
CA ALA A 161 0.03 -15.69 -41.21
C ALA A 161 -0.88 -15.87 -42.44
N PRO A 162 -1.67 -14.88 -42.91
CA PRO A 162 -2.45 -15.14 -44.14
C PRO A 162 -1.61 -15.24 -45.39
N ALA A 163 -0.47 -14.57 -45.46
CA ALA A 163 0.37 -14.67 -46.65
C ALA A 163 1.18 -15.96 -46.69
N ILE A 164 1.13 -16.78 -45.64
CA ILE A 164 1.91 -18.01 -45.62
C ILE A 164 0.96 -19.21 -45.52
N LEU A 165 -0.28 -18.98 -45.09
CA LEU A 165 -1.20 -20.11 -44.99
C LEU A 165 -2.31 -20.09 -46.02
N PHE A 166 -2.33 -19.12 -46.93
CA PHE A 166 -3.29 -19.09 -48.03
C PHE A 166 -2.61 -19.21 -49.39
N TRP A 167 -1.28 -19.28 -49.42
CA TRP A 167 -0.57 -19.14 -50.69
C TRP A 167 -0.69 -20.36 -51.58
N GLN A 168 -0.71 -21.56 -51.01
CA GLN A 168 -1.01 -22.74 -51.82
C GLN A 168 -2.49 -22.74 -52.23
N PHE A 169 -3.32 -22.03 -51.48
CA PHE A 169 -4.72 -21.88 -51.87
C PHE A 169 -4.88 -20.73 -52.85
N ILE A 170 -3.84 -19.92 -53.03
CA ILE A 170 -3.83 -18.92 -54.09
C ILE A 170 -3.33 -19.50 -55.41
N VAL A 171 -2.13 -20.08 -55.42
CA VAL A 171 -1.54 -20.60 -56.66
C VAL A 171 -2.15 -21.94 -57.04
N GLY A 172 -2.79 -22.62 -56.09
CA GLY A 172 -3.46 -23.87 -56.38
C GLY A 172 -2.62 -25.07 -56.01
N VAL A 173 -1.32 -24.96 -56.19
CA VAL A 173 -0.40 -26.07 -56.04
C VAL A 173 0.46 -25.85 -54.80
N ARG A 174 1.18 -26.88 -54.38
CA ARG A 174 2.27 -26.69 -53.46
C ARG A 174 3.59 -26.69 -54.23
N THR A 175 4.21 -25.52 -54.37
CA THR A 175 5.39 -25.40 -55.21
C THR A 175 6.61 -26.01 -54.55
N VAL A 176 6.59 -26.14 -53.24
CA VAL A 176 7.66 -26.81 -52.51
C VAL A 176 7.37 -28.30 -52.47
N GLU A 177 8.41 -29.12 -52.66
CA GLU A 177 8.25 -30.56 -52.61
C GLU A 177 8.16 -31.02 -51.16
N ASP A 178 7.99 -32.33 -50.96
CA ASP A 178 7.96 -32.88 -49.61
C ASP A 178 9.34 -33.04 -49.00
N GLY A 179 10.40 -32.97 -49.81
CA GLY A 179 11.74 -33.07 -49.30
C GLY A 179 12.13 -31.85 -48.48
N GLU A 180 12.28 -30.70 -49.13
CA GLU A 180 12.60 -29.48 -48.41
C GLU A 180 11.33 -28.77 -47.97
N CYS A 181 11.53 -27.82 -47.05
CA CYS A 181 10.50 -26.92 -46.48
C CYS A 181 11.06 -25.49 -46.49
N TYR A 182 10.33 -24.55 -47.09
CA TYR A 182 10.79 -23.14 -47.18
C TYR A 182 9.59 -22.24 -47.51
N ILE A 183 9.78 -20.92 -47.49
CA ILE A 183 8.64 -20.01 -47.83
C ILE A 183 8.17 -20.38 -49.24
N GLN A 184 6.86 -20.53 -49.42
CA GLN A 184 6.28 -20.97 -50.68
C GLN A 184 6.25 -19.83 -51.70
N PHE A 185 6.27 -18.58 -51.24
CA PHE A 185 6.29 -17.43 -52.13
C PHE A 185 7.71 -16.90 -52.31
N PHE A 186 8.70 -17.79 -52.22
CA PHE A 186 10.08 -17.37 -52.43
C PHE A 186 10.37 -17.05 -53.88
N SER A 187 9.66 -17.70 -54.81
CA SER A 187 9.81 -17.40 -56.23
C SER A 187 9.30 -16.01 -56.58
N ASN A 188 8.40 -15.46 -55.78
CA ASN A 188 7.94 -14.09 -55.93
C ASN A 188 9.08 -13.11 -55.65
N ALA A 189 8.92 -11.90 -56.14
CA ALA A 189 9.87 -10.85 -55.82
C ALA A 189 9.21 -9.62 -55.22
N ALA A 190 8.04 -9.24 -55.71
CA ALA A 190 7.36 -8.03 -55.23
C ALA A 190 6.82 -8.22 -53.82
N VAL A 191 6.23 -9.39 -53.54
CA VAL A 191 5.65 -9.57 -52.21
C VAL A 191 6.73 -9.85 -51.17
N THR A 192 7.89 -10.38 -51.59
CA THR A 192 8.99 -10.53 -50.64
C THR A 192 9.65 -9.20 -50.37
N PHE A 193 9.75 -8.34 -51.40
CA PHE A 193 10.10 -6.94 -51.17
C PHE A 193 9.13 -6.26 -50.21
N GLY A 194 7.83 -6.49 -50.40
CA GLY A 194 6.81 -5.81 -49.62
C GLY A 194 6.67 -6.31 -48.20
N THR A 195 7.10 -7.55 -47.92
CA THR A 195 7.12 -7.99 -46.53
C THR A 195 8.49 -7.82 -45.87
N ALA A 196 9.57 -7.76 -46.65
CA ALA A 196 10.89 -7.61 -46.05
C ALA A 196 11.25 -6.14 -45.85
N ILE A 197 10.61 -5.23 -46.57
CA ILE A 197 10.79 -3.83 -46.18
C ILE A 197 9.88 -3.53 -44.99
N ALA A 198 8.79 -4.28 -44.86
CA ALA A 198 7.80 -3.97 -43.84
C ALA A 198 8.24 -4.48 -42.48
N ALA A 199 8.77 -5.69 -42.43
CA ALA A 199 9.09 -6.31 -41.16
C ALA A 199 10.43 -5.85 -40.61
N PHE A 200 11.36 -5.48 -41.45
CA PHE A 200 12.69 -5.18 -40.94
C PHE A 200 13.19 -3.78 -41.30
N TYR A 201 13.03 -3.35 -42.55
CA TYR A 201 13.75 -2.18 -43.05
C TYR A 201 13.25 -0.86 -42.45
N LEU A 202 11.96 -0.56 -42.62
CA LEU A 202 11.50 0.66 -41.96
C LEU A 202 11.47 0.54 -40.42
N PRO A 203 11.28 -0.64 -39.80
CA PRO A 203 11.59 -0.72 -38.36
C PRO A 203 13.02 -0.36 -37.98
N VAL A 204 14.02 -0.79 -38.74
CA VAL A 204 15.37 -0.49 -38.26
C VAL A 204 15.74 0.96 -38.56
N ILE A 205 15.19 1.57 -39.62
CA ILE A 205 15.55 2.97 -39.83
C ILE A 205 14.75 3.87 -38.89
N ILE A 206 13.52 3.47 -38.53
CA ILE A 206 12.76 4.22 -37.55
C ILE A 206 13.41 4.12 -36.17
N MET A 207 13.88 2.92 -35.82
CA MET A 207 14.55 2.73 -34.55
C MET A 207 15.84 3.51 -34.46
N THR A 208 16.62 3.55 -35.54
CA THR A 208 17.88 4.29 -35.44
C THR A 208 17.66 5.79 -35.49
N VAL A 209 16.60 6.28 -36.16
CA VAL A 209 16.42 7.72 -36.18
C VAL A 209 15.90 8.21 -34.83
N LEU A 210 15.01 7.45 -34.19
CA LEU A 210 14.58 7.95 -32.88
C LEU A 210 15.59 7.62 -31.80
N TYR A 211 16.48 6.65 -32.01
CA TYR A 211 17.54 6.48 -31.02
C TYR A 211 18.60 7.56 -31.16
N TRP A 212 18.80 8.10 -32.37
CA TRP A 212 19.62 9.31 -32.46
C TRP A 212 18.93 10.49 -31.80
N HIS A 213 17.60 10.56 -31.92
CA HIS A 213 16.84 11.58 -31.19
C HIS A 213 17.00 11.45 -29.69
N ILE A 214 16.96 10.23 -29.15
CA ILE A 214 17.21 10.01 -27.73
C ILE A 214 18.65 10.38 -27.37
N SER A 215 19.60 9.97 -28.21
CA SER A 215 21.02 10.27 -28.08
C SER A 215 21.32 11.76 -28.02
N ARG A 216 20.49 12.61 -28.61
CA ARG A 216 20.70 14.04 -28.44
C ARG A 216 19.63 14.72 -27.58
N ALA A 217 18.65 13.98 -27.07
CA ALA A 217 17.75 14.51 -26.06
C ALA A 217 18.19 14.20 -24.65
N SER A 218 19.13 13.26 -24.49
CA SER A 218 19.70 12.95 -23.18
C SER A 218 21.02 13.70 -23.01
N LYS A 219 20.92 15.02 -23.02
CA LYS A 219 22.06 15.90 -22.82
C LYS A 219 21.84 16.71 -21.56
N SER A 220 22.92 17.07 -20.89
CA SER A 220 22.88 17.79 -19.64
C SER A 220 22.28 19.18 -19.81
N ARG A 221 22.66 19.85 -20.92
CA ARG A 221 22.06 21.12 -21.40
C ARG A 221 22.42 22.32 -20.49
N ILE A 222 23.09 22.09 -19.37
CA ILE A 222 23.37 23.13 -18.40
C ILE A 222 24.84 23.54 -18.48
N LYS A 223 25.73 22.61 -18.16
CA LYS A 223 27.18 22.79 -18.28
C LYS A 223 27.89 21.44 -18.22
N PRO A 257 31.46 11.82 -16.62
CA PRO A 257 31.44 11.92 -18.08
C PRO A 257 30.36 11.05 -18.68
N SER A 258 29.68 10.31 -17.82
CA SER A 258 28.83 9.19 -18.24
C SER A 258 27.49 9.62 -18.83
N ARG A 259 27.20 10.93 -18.79
CA ARG A 259 25.83 11.42 -18.94
C ARG A 259 25.25 11.12 -20.32
N GLU A 260 25.97 11.46 -21.37
CA GLU A 260 25.59 11.02 -22.71
C GLU A 260 26.40 9.82 -23.16
N LYS A 261 27.53 9.56 -22.50
CA LYS A 261 28.42 8.47 -22.86
C LYS A 261 27.72 7.12 -22.70
N LYS A 262 27.05 6.92 -21.57
CA LYS A 262 26.39 5.64 -21.31
C LYS A 262 25.23 5.42 -22.27
N VAL A 263 24.48 6.47 -22.57
CA VAL A 263 23.30 6.32 -23.42
C VAL A 263 23.71 6.06 -24.86
N THR A 264 24.71 6.79 -25.37
CA THR A 264 25.21 6.53 -26.72
C THR A 264 25.83 5.14 -26.82
N ARG A 265 26.56 4.73 -25.78
CA ARG A 265 27.16 3.40 -25.78
C ARG A 265 26.12 2.30 -25.81
N THR A 266 25.09 2.39 -24.97
CA THR A 266 24.12 1.30 -24.94
C THR A 266 23.19 1.32 -26.13
N ILE A 267 22.90 2.49 -26.72
CA ILE A 267 22.07 2.42 -27.91
C ILE A 267 22.89 1.97 -29.11
N LEU A 268 24.20 2.22 -29.12
CA LEU A 268 25.01 1.65 -30.19
C LEU A 268 25.15 0.15 -30.03
N ALA A 269 25.20 -0.33 -28.79
CA ALA A 269 25.22 -1.76 -28.53
C ALA A 269 23.92 -2.42 -28.97
N ILE A 270 22.77 -1.82 -28.61
CA ILE A 270 21.47 -2.35 -28.97
C ILE A 270 21.30 -2.36 -30.49
N LEU A 271 21.64 -1.26 -31.14
CA LEU A 271 21.41 -1.15 -32.58
C LEU A 271 22.36 -2.04 -33.36
N LEU A 272 23.63 -2.10 -32.96
CA LEU A 272 24.59 -2.95 -33.66
C LEU A 272 24.26 -4.42 -33.47
N ALA A 273 23.86 -4.82 -32.26
CA ALA A 273 23.46 -6.20 -32.02
C ALA A 273 22.24 -6.57 -32.84
N PHE A 274 21.24 -5.68 -32.89
CA PHE A 274 20.04 -5.95 -33.66
C PHE A 274 20.32 -5.98 -35.15
N ILE A 275 21.25 -5.16 -35.63
CA ILE A 275 21.55 -5.18 -37.05
C ILE A 275 22.29 -6.46 -37.43
N ILE A 276 23.34 -6.83 -36.69
CA ILE A 276 24.12 -8.00 -37.09
C ILE A 276 23.38 -9.29 -36.76
N THR A 277 22.33 -9.21 -35.95
CA THR A 277 21.57 -10.43 -35.72
C THR A 277 20.35 -10.57 -36.63
N TRP A 278 19.99 -9.55 -37.39
CA TRP A 278 18.74 -9.61 -38.14
C TRP A 278 18.83 -9.11 -39.57
N ALA A 279 19.95 -8.49 -39.96
CA ALA A 279 20.09 -8.07 -41.35
C ALA A 279 20.18 -9.23 -42.34
N PRO A 280 21.17 -10.16 -42.23
CA PRO A 280 21.54 -10.95 -43.42
C PRO A 280 20.48 -11.93 -43.89
N TYR A 281 19.57 -12.35 -43.01
CA TYR A 281 18.41 -13.13 -43.44
C TYR A 281 17.60 -12.36 -44.47
N ASN A 282 17.43 -11.06 -44.25
CA ASN A 282 16.62 -10.27 -45.16
C ASN A 282 17.33 -10.07 -46.48
N VAL A 283 18.65 -9.93 -46.47
CA VAL A 283 19.34 -9.70 -47.74
C VAL A 283 19.45 -11.01 -48.51
N MET A 284 19.51 -12.16 -47.83
CA MET A 284 19.50 -13.44 -48.54
C MET A 284 18.12 -13.72 -49.11
N VAL A 285 17.07 -13.41 -48.35
CA VAL A 285 15.72 -13.67 -48.84
C VAL A 285 15.32 -12.67 -49.91
N LEU A 286 16.02 -11.55 -50.03
CA LEU A 286 15.75 -10.66 -51.14
C LEU A 286 16.58 -10.96 -52.38
N ILE A 287 17.85 -11.34 -52.24
CA ILE A 287 18.62 -11.67 -53.43
C ILE A 287 18.29 -13.07 -53.94
N ASN A 288 17.69 -13.92 -53.12
CA ASN A 288 17.31 -15.25 -53.57
C ASN A 288 16.05 -15.26 -54.41
N THR A 289 15.35 -14.15 -54.49
CA THR A 289 14.26 -14.04 -55.46
C THR A 289 14.78 -14.00 -56.89
N PHE A 290 15.99 -13.51 -57.11
CA PHE A 290 16.57 -13.49 -58.44
C PHE A 290 17.77 -14.41 -58.54
N CYS A 291 18.76 -14.21 -57.66
CA CYS A 291 19.97 -15.02 -57.70
C CYS A 291 19.74 -16.32 -56.94
N ALA A 292 18.92 -17.20 -57.49
CA ALA A 292 18.68 -18.49 -56.86
C ALA A 292 19.89 -19.43 -56.94
N PRO A 293 20.44 -19.82 -58.11
CA PRO A 293 21.45 -20.89 -58.09
C PRO A 293 22.83 -20.46 -57.63
N CYS A 294 23.05 -19.17 -57.39
CA CYS A 294 24.30 -18.71 -56.78
C CYS A 294 24.31 -18.88 -55.26
N ILE A 295 23.23 -19.38 -54.68
CA ILE A 295 23.06 -19.46 -53.23
C ILE A 295 23.15 -20.93 -52.81
N PRO A 296 24.16 -21.33 -52.06
CA PRO A 296 24.18 -22.69 -51.50
C PRO A 296 23.38 -22.78 -50.21
N ASN A 297 23.49 -23.88 -49.48
CA ASN A 297 22.75 -24.00 -48.24
C ASN A 297 23.57 -23.58 -47.02
N THR A 298 24.88 -23.39 -47.17
CA THR A 298 25.71 -22.96 -46.06
C THR A 298 25.36 -21.55 -45.61
N VAL A 299 24.98 -20.70 -46.55
CA VAL A 299 24.58 -19.35 -46.19
C VAL A 299 23.24 -19.37 -45.46
N TRP A 300 22.33 -20.26 -45.85
CA TRP A 300 21.09 -20.45 -45.10
C TRP A 300 21.37 -20.93 -43.69
N THR A 301 22.31 -21.86 -43.56
CA THR A 301 22.71 -22.42 -42.28
C THR A 301 23.17 -21.33 -41.34
N ILE A 302 24.19 -20.57 -41.76
CA ILE A 302 24.76 -19.57 -40.87
C ILE A 302 23.80 -18.40 -40.68
N GLY A 303 22.93 -18.14 -41.66
CA GLY A 303 21.99 -17.05 -41.52
C GLY A 303 20.92 -17.32 -40.49
N TYR A 304 20.24 -18.45 -40.58
CA TYR A 304 19.26 -18.67 -39.48
C TYR A 304 20.00 -18.84 -38.16
N TRP A 305 21.15 -19.51 -38.16
CA TRP A 305 21.83 -19.64 -36.88
C TRP A 305 22.00 -18.29 -36.21
N LEU A 306 22.63 -17.33 -36.90
CA LEU A 306 22.89 -16.07 -36.21
C LEU A 306 21.66 -15.17 -36.18
N CYS A 307 20.55 -15.58 -36.80
CA CYS A 307 19.29 -14.91 -36.51
C CYS A 307 18.58 -15.57 -35.35
N TYR A 308 18.86 -16.84 -35.09
CA TYR A 308 18.31 -17.48 -33.90
C TYR A 308 19.08 -17.12 -32.65
N ILE A 309 20.32 -16.63 -32.78
CA ILE A 309 21.04 -16.18 -31.59
C ILE A 309 20.57 -14.81 -31.10
N ASN A 310 19.66 -14.15 -31.82
CA ASN A 310 19.05 -12.92 -31.32
C ASN A 310 18.32 -13.16 -30.01
N SER A 311 17.68 -14.32 -29.88
CA SER A 311 16.93 -14.60 -28.68
C SER A 311 17.83 -14.88 -27.48
N THR A 312 19.09 -15.22 -27.70
CA THR A 312 19.98 -15.35 -26.55
C THR A 312 20.76 -14.07 -26.30
N ILE A 313 20.91 -13.21 -27.32
CA ILE A 313 21.57 -11.93 -27.10
C ILE A 313 20.62 -10.87 -26.58
N ASN A 314 19.31 -11.14 -26.63
CA ASN A 314 18.31 -10.19 -26.11
C ASN A 314 18.45 -9.83 -24.63
N PRO A 315 18.53 -10.76 -23.67
CA PRO A 315 18.43 -10.31 -22.27
C PRO A 315 19.70 -9.65 -21.75
N ALA A 316 20.86 -10.01 -22.30
CA ALA A 316 22.10 -9.34 -21.97
C ALA A 316 22.27 -8.03 -22.72
N CYS A 317 21.25 -7.58 -23.43
CA CYS A 317 21.26 -6.29 -24.09
C CYS A 317 20.08 -5.42 -23.71
N TYR A 318 19.01 -6.01 -23.19
CA TYR A 318 17.83 -5.26 -22.79
C TYR A 318 17.53 -5.33 -21.30
N ALA A 319 17.85 -6.44 -20.65
CA ALA A 319 17.49 -6.64 -19.26
C ALA A 319 18.71 -6.53 -18.34
N LEU A 320 19.81 -7.19 -18.67
CA LEU A 320 20.99 -7.13 -17.84
C LEU A 320 21.87 -5.92 -18.11
N CYS A 321 21.36 -4.92 -18.84
CA CYS A 321 21.97 -3.60 -18.78
C CYS A 321 21.36 -2.78 -17.64
N ASN A 322 20.15 -3.14 -17.22
CA ASN A 322 19.53 -2.53 -16.07
C ASN A 322 20.18 -3.03 -14.79
N ALA A 323 20.60 -2.08 -13.94
CA ALA A 323 21.40 -2.42 -12.77
C ALA A 323 20.58 -3.15 -11.70
N THR A 324 19.38 -2.66 -11.42
CA THR A 324 18.51 -3.33 -10.47
C THR A 324 18.03 -4.68 -10.98
N PHE A 325 17.98 -4.87 -12.30
CA PHE A 325 17.69 -6.19 -12.83
C PHE A 325 18.84 -7.14 -12.56
N LYS A 326 20.08 -6.66 -12.71
CA LYS A 326 21.23 -7.50 -12.37
C LYS A 326 21.30 -7.79 -10.88
N LYS A 327 20.83 -6.85 -10.05
CA LYS A 327 20.80 -7.07 -8.61
C LYS A 327 19.75 -8.12 -8.23
N THR A 328 18.57 -8.07 -8.86
CA THR A 328 17.59 -9.15 -8.64
C THR A 328 18.00 -10.45 -9.29
N PHE A 329 18.82 -10.39 -10.34
CA PHE A 329 19.41 -11.59 -10.93
C PHE A 329 20.37 -12.26 -9.96
N LYS A 330 21.14 -11.47 -9.22
CA LYS A 330 21.98 -12.02 -8.16
C LYS A 330 21.18 -12.36 -6.90
N HIS A 331 20.00 -11.75 -6.72
CA HIS A 331 19.10 -12.15 -5.65
C HIS A 331 18.51 -13.53 -5.91
N LEU A 332 18.15 -13.81 -7.16
CA LEU A 332 17.74 -15.15 -7.58
C LEU A 332 18.92 -16.06 -7.86
N LEU A 333 20.15 -15.54 -7.84
CA LEU A 333 21.33 -16.40 -7.82
C LEU A 333 21.79 -16.72 -6.41
N MET A 334 21.24 -16.01 -5.42
CA MET A 334 21.46 -16.36 -4.01
C MET A 334 20.18 -16.78 -3.30
N CYS A 335 19.05 -16.85 -4.03
CA CYS A 335 17.73 -17.27 -3.54
C CYS A 335 17.23 -16.46 -2.34
N THR B 4 -18.26 -19.78 -6.21
CA THR B 4 -18.36 -18.40 -5.72
C THR B 4 -18.97 -18.41 -4.33
N LEU B 5 -20.29 -18.61 -4.28
CA LEU B 5 -21.12 -18.86 -3.11
C LEU B 5 -21.20 -17.65 -2.15
N SER B 6 -20.75 -16.47 -2.57
CA SER B 6 -20.90 -15.28 -1.72
C SER B 6 -22.36 -14.85 -1.67
N ALA B 7 -22.81 -14.46 -0.47
CA ALA B 7 -24.24 -14.25 -0.26
C ALA B 7 -24.75 -12.91 -0.75
N GLU B 8 -24.31 -11.84 -0.12
CA GLU B 8 -24.57 -10.50 -0.61
C GLU B 8 -23.36 -9.61 -0.42
N ASP B 9 -22.31 -10.15 0.15
CA ASP B 9 -21.00 -9.54 0.26
C ASP B 9 -20.29 -9.43 -1.05
N LYS B 10 -20.87 -9.81 -2.18
CA LYS B 10 -20.36 -9.33 -3.45
C LYS B 10 -20.62 -7.84 -3.60
N ALA B 11 -21.61 -7.31 -2.88
CA ALA B 11 -21.75 -5.86 -2.78
C ALA B 11 -20.61 -5.28 -1.94
N ALA B 12 -20.14 -6.02 -0.95
CA ALA B 12 -18.99 -5.58 -0.18
C ALA B 12 -17.72 -5.59 -1.02
N VAL B 13 -17.56 -6.58 -1.91
CA VAL B 13 -16.37 -6.54 -2.75
C VAL B 13 -16.54 -5.56 -3.90
N GLU B 14 -17.78 -5.19 -4.25
CA GLU B 14 -18.00 -4.06 -5.14
C GLU B 14 -17.54 -2.76 -4.48
N ARG B 15 -17.83 -2.60 -3.18
CA ARG B 15 -17.35 -1.45 -2.42
C ARG B 15 -15.83 -1.43 -2.36
N SER B 16 -15.23 -2.61 -2.20
CA SER B 16 -13.77 -2.71 -2.18
C SER B 16 -13.15 -2.33 -3.51
N LYS B 17 -13.75 -2.79 -4.62
CA LYS B 17 -13.23 -2.43 -5.94
C LYS B 17 -13.42 -0.95 -6.22
N MET B 18 -14.52 -0.36 -5.75
CA MET B 18 -14.74 1.06 -5.95
C MET B 18 -13.72 1.90 -5.21
N ILE B 19 -13.40 1.54 -3.97
CA ILE B 19 -12.43 2.37 -3.27
C ILE B 19 -11.00 2.02 -3.68
N GLU B 20 -10.76 0.84 -4.26
CA GLU B 20 -9.48 0.62 -4.93
C GLU B 20 -9.32 1.53 -6.13
N LYS B 21 -10.40 1.73 -6.87
CA LYS B 21 -10.39 2.65 -8.01
C LYS B 21 -10.11 4.07 -7.57
N ASN B 22 -10.74 4.50 -6.47
CA ASN B 22 -10.51 5.85 -5.95
C ASN B 22 -9.09 6.03 -5.42
N LEU B 23 -8.55 5.01 -4.75
CA LEU B 23 -7.14 5.05 -4.32
C LEU B 23 -6.21 5.19 -5.51
N LYS B 24 -6.51 4.46 -6.59
CA LYS B 24 -5.68 4.53 -7.79
C LYS B 24 -5.72 5.91 -8.43
N GLU B 25 -6.91 6.51 -8.51
CA GLU B 25 -7.05 7.80 -9.16
C GLU B 25 -6.39 8.92 -8.36
N ASP B 26 -6.55 8.90 -7.03
CA ASP B 26 -5.84 9.88 -6.21
C ASP B 26 -4.34 9.62 -6.21
N GLY B 27 -3.91 8.37 -6.35
CA GLY B 27 -2.47 8.12 -6.42
C GLY B 27 -1.86 8.65 -7.70
N ILE B 28 -2.58 8.54 -8.82
CA ILE B 28 -2.15 9.16 -10.06
C ILE B 28 -2.10 10.68 -9.90
N SER B 29 -3.16 11.27 -9.34
CA SER B 29 -3.28 12.71 -9.24
C SER B 29 -2.24 13.30 -8.29
N ALA B 30 -1.80 12.52 -7.31
CA ALA B 30 -0.73 12.97 -6.44
C ALA B 30 0.65 12.59 -6.97
N ALA B 31 0.71 11.62 -7.88
CA ALA B 31 1.98 11.28 -8.50
C ALA B 31 2.36 12.20 -9.63
N LYS B 32 1.42 13.04 -10.11
CA LYS B 32 1.84 14.10 -11.03
C LYS B 32 2.66 15.17 -10.32
N ASP B 33 2.57 15.23 -8.99
CA ASP B 33 3.26 16.26 -8.24
C ASP B 33 4.76 15.99 -8.18
N VAL B 34 5.50 17.01 -7.79
CA VAL B 34 6.95 16.96 -7.66
C VAL B 34 7.31 17.50 -6.29
N LYS B 35 7.92 16.67 -5.46
CA LYS B 35 8.19 17.01 -4.07
C LYS B 35 9.64 17.42 -3.91
N LEU B 36 9.87 18.50 -3.18
CA LEU B 36 11.21 19.01 -2.92
C LEU B 36 11.34 19.25 -1.43
N LEU B 37 12.28 18.59 -0.78
CA LEU B 37 12.53 18.85 0.63
C LEU B 37 13.54 19.97 0.74
N LEU B 38 13.22 21.02 1.46
CA LEU B 38 14.14 22.14 1.60
C LEU B 38 14.81 22.04 2.96
N LEU B 39 16.13 22.01 2.96
CA LEU B 39 16.90 21.89 4.18
C LEU B 39 17.79 23.11 4.33
N GLY B 40 18.70 23.05 5.29
CA GLY B 40 19.62 24.13 5.55
C GLY B 40 19.65 24.44 7.04
N ALA B 41 20.64 25.20 7.45
CA ALA B 41 20.76 25.59 8.85
C ALA B 41 19.86 26.79 9.11
N GLY B 42 19.73 27.19 10.38
CA GLY B 42 18.95 28.36 10.71
C GLY B 42 19.67 29.61 10.27
N GLU B 43 18.90 30.54 9.68
CA GLU B 43 19.39 31.76 9.02
C GLU B 43 20.40 31.41 7.92
N SER B 44 19.96 30.58 6.99
CA SER B 44 20.71 30.34 5.78
C SER B 44 20.15 31.10 4.60
N GLY B 45 19.00 31.75 4.76
CA GLY B 45 18.31 32.36 3.65
C GLY B 45 17.24 31.50 3.03
N LYS B 46 16.79 30.44 3.70
CA LYS B 46 15.78 29.59 3.09
C LYS B 46 14.40 30.22 3.12
N SER B 47 14.14 31.12 4.08
CA SER B 47 12.91 31.89 4.05
C SER B 47 12.90 32.84 2.86
N THR B 48 14.08 33.32 2.46
CA THR B 48 14.17 34.19 1.30
C THR B 48 13.86 33.41 0.02
N ILE B 49 14.32 32.16 -0.09
CA ILE B 49 13.99 31.45 -1.31
C ILE B 49 12.56 30.96 -1.27
N VAL B 50 11.97 30.80 -0.08
CA VAL B 50 10.59 30.33 -0.07
C VAL B 50 9.64 31.50 -0.30
N LYS B 51 10.05 32.73 0.02
CA LYS B 51 9.30 33.89 -0.41
C LYS B 51 9.68 34.32 -1.82
N GLN B 52 10.69 33.68 -2.42
CA GLN B 52 10.96 33.81 -3.84
C GLN B 52 10.22 32.78 -4.66
N MET B 53 9.29 32.06 -4.06
CA MET B 53 8.37 31.20 -4.79
C MET B 53 7.01 31.85 -5.02
N LYS B 54 6.73 32.95 -4.30
CA LYS B 54 5.64 33.89 -4.59
C LYS B 54 4.25 33.27 -4.46
N ILE B 55 4.17 32.10 -3.82
CA ILE B 55 2.89 31.50 -3.45
C ILE B 55 3.02 30.94 -2.04
N THR B 182 0.90 22.62 14.19
CA THR B 182 0.88 23.17 12.85
C THR B 182 2.20 23.85 12.52
N THR B 183 3.19 23.66 13.39
CA THR B 183 4.49 24.29 13.21
C THR B 183 5.55 23.23 12.99
N GLY B 184 5.13 21.99 12.75
CA GLY B 184 6.07 20.94 12.48
C GLY B 184 6.70 21.05 11.11
N ILE B 185 5.89 20.91 10.08
CA ILE B 185 6.34 20.94 8.70
C ILE B 185 5.51 22.00 8.00
N VAL B 186 6.17 23.02 7.45
CA VAL B 186 5.46 24.04 6.70
C VAL B 186 5.57 23.73 5.20
N GLU B 187 4.42 23.46 4.60
CA GLU B 187 4.36 23.07 3.20
C GLU B 187 4.14 24.31 2.35
N THR B 188 4.66 24.29 1.13
CA THR B 188 4.41 25.33 0.16
C THR B 188 4.14 24.67 -1.18
N HIS B 189 2.87 24.61 -1.56
CA HIS B 189 2.48 24.11 -2.87
C HIS B 189 2.39 25.28 -3.83
N PHE B 190 3.04 25.16 -4.98
CA PHE B 190 2.79 26.09 -6.06
C PHE B 190 2.90 25.31 -7.36
N THR B 191 2.90 26.02 -8.48
CA THR B 191 2.99 25.38 -9.78
C THR B 191 3.66 26.31 -10.78
N PHE B 192 4.30 25.70 -11.78
CA PHE B 192 5.08 26.44 -12.75
C PHE B 192 5.25 25.59 -13.99
N LYS B 193 4.70 26.09 -15.12
CA LYS B 193 4.69 25.40 -16.41
C LYS B 193 4.09 24.00 -16.30
N ASN B 194 2.98 23.93 -15.56
CA ASN B 194 2.24 22.70 -15.27
C ASN B 194 3.12 21.66 -14.56
N LEU B 195 3.83 22.13 -13.53
CA LEU B 195 4.56 21.27 -12.61
C LEU B 195 4.20 21.68 -11.19
N HIS B 196 3.35 20.90 -10.55
CA HIS B 196 2.99 21.14 -9.15
C HIS B 196 4.21 20.87 -8.29
N PHE B 197 4.80 21.92 -7.74
CA PHE B 197 5.90 21.81 -6.81
C PHE B 197 5.36 21.84 -5.40
N ARG B 198 5.45 20.72 -4.71
CA ARG B 198 5.34 20.70 -3.26
C ARG B 198 6.72 20.97 -2.69
N LEU B 199 6.80 21.89 -1.74
CA LEU B 199 8.07 22.26 -1.15
C LEU B 199 7.93 22.18 0.35
N PHE B 200 8.51 21.14 0.95
CA PHE B 200 8.37 20.91 2.37
C PHE B 200 9.53 21.56 3.08
N ASP B 201 9.27 22.63 3.81
CA ASP B 201 10.26 23.23 4.68
C ASP B 201 10.09 22.59 6.05
N VAL B 202 11.15 21.92 6.50
CA VAL B 202 11.10 21.06 7.67
C VAL B 202 11.91 21.63 8.83
N GLY B 203 12.43 22.85 8.70
CA GLY B 203 13.23 23.46 9.74
C GLY B 203 12.49 23.81 11.01
N GLY B 204 11.17 23.74 11.01
CA GLY B 204 10.43 23.88 12.24
C GLY B 204 10.46 22.69 13.15
N GLN B 205 10.97 21.54 12.67
CA GLN B 205 10.99 20.32 13.46
C GLN B 205 12.22 20.32 14.34
N ARG B 206 12.11 20.98 15.48
CA ARG B 206 13.20 21.08 16.44
C ARG B 206 13.33 19.75 17.18
N SER B 207 14.01 18.79 16.57
CA SER B 207 14.31 17.51 17.18
C SER B 207 15.49 16.92 16.42
N GLU B 208 15.74 15.63 16.66
CA GLU B 208 16.81 14.93 15.97
C GLU B 208 16.29 14.47 14.61
N ARG B 209 17.06 14.74 13.56
CA ARG B 209 16.63 14.49 12.20
C ARG B 209 16.51 13.02 11.87
N LYS B 210 17.22 12.14 12.59
CA LYS B 210 17.31 10.74 12.16
C LYS B 210 16.05 9.95 12.48
N LYS B 211 15.00 10.58 12.98
CA LYS B 211 13.76 9.89 13.26
C LYS B 211 12.61 10.31 12.37
N TRP B 212 12.82 11.24 11.44
CA TRP B 212 11.80 11.53 10.44
C TRP B 212 12.34 11.79 9.05
N ILE B 213 13.64 11.61 8.80
CA ILE B 213 14.11 11.72 7.43
C ILE B 213 14.02 10.39 6.70
N HIS B 214 13.57 9.34 7.36
CA HIS B 214 13.29 8.13 6.62
C HIS B 214 11.90 8.14 6.02
N CYS B 215 11.11 9.17 6.29
CA CYS B 215 9.86 9.36 5.60
C CYS B 215 9.98 10.39 4.48
N PHE B 216 11.10 11.10 4.41
CA PHE B 216 11.34 12.06 3.36
C PHE B 216 12.14 11.49 2.21
N GLU B 217 12.40 10.19 2.21
CA GLU B 217 12.80 9.57 0.96
C GLU B 217 11.56 9.45 0.08
N ASP B 218 11.79 9.21 -1.22
CA ASP B 218 10.90 9.34 -2.39
C ASP B 218 10.70 10.81 -2.74
N VAL B 219 11.39 11.73 -2.07
CA VAL B 219 11.42 13.11 -2.54
C VAL B 219 12.34 13.16 -3.76
N THR B 220 12.20 14.19 -4.58
CA THR B 220 13.00 14.17 -5.80
C THR B 220 14.19 15.12 -5.74
N ALA B 221 14.28 15.98 -4.74
CA ALA B 221 15.44 16.84 -4.56
C ALA B 221 15.50 17.35 -3.13
N ILE B 222 16.71 17.58 -2.66
CA ILE B 222 16.96 18.30 -1.43
C ILE B 222 17.47 19.67 -1.84
N ILE B 223 16.63 20.68 -1.79
CA ILE B 223 17.13 22.04 -1.96
C ILE B 223 17.96 22.38 -0.74
N PHE B 224 19.12 22.97 -0.97
CA PHE B 224 20.05 23.24 0.12
C PHE B 224 20.54 24.68 0.01
N CYS B 225 20.34 25.46 1.08
CA CYS B 225 20.78 26.84 1.11
C CYS B 225 21.89 27.00 2.11
N VAL B 226 22.97 27.64 1.69
CA VAL B 226 24.10 27.95 2.54
C VAL B 226 24.44 29.41 2.33
N ALA B 227 24.45 30.17 3.42
CA ALA B 227 24.76 31.59 3.34
C ALA B 227 26.24 31.79 3.01
N LEU B 228 26.55 32.95 2.43
CA LEU B 228 27.92 33.23 2.08
C LEU B 228 28.56 34.25 3.02
N SER B 229 28.05 34.33 4.25
CA SER B 229 28.71 35.08 5.30
C SER B 229 29.35 34.13 6.30
N GLY B 230 29.93 33.04 5.80
CA GLY B 230 30.40 31.98 6.67
C GLY B 230 31.69 32.30 7.38
N TYR B 231 31.62 33.18 8.38
CA TYR B 231 32.77 33.54 9.18
C TYR B 231 32.49 33.56 10.67
N ASP B 232 31.24 33.74 11.08
CA ASP B 232 30.87 33.98 12.47
C ASP B 232 30.26 32.73 13.11
N GLN B 233 29.95 32.85 14.40
CA GLN B 233 29.35 31.75 15.16
C GLN B 233 27.86 31.66 14.89
N ASN B 242 32.75 30.13 11.19
CA ASN B 242 32.32 28.94 11.91
C ASN B 242 31.10 28.34 11.25
N ARG B 243 30.31 29.19 10.57
CA ARG B 243 29.03 28.75 10.04
C ARG B 243 29.21 27.85 8.82
N MET B 244 30.16 28.19 7.93
CA MET B 244 30.34 27.39 6.74
C MET B 244 30.99 26.04 7.06
N HIS B 245 31.73 25.95 8.16
CA HIS B 245 32.13 24.64 8.65
C HIS B 245 30.93 23.88 9.18
N GLU B 246 30.04 24.58 9.89
CA GLU B 246 28.82 23.95 10.38
C GLU B 246 27.91 23.54 9.23
N SER B 247 27.77 24.41 8.23
CA SER B 247 26.96 24.08 7.06
C SER B 247 27.60 22.98 6.25
N LEU B 248 28.92 22.90 6.27
CA LEU B 248 29.63 21.84 5.55
C LEU B 248 29.42 20.49 6.22
N MET B 249 29.48 20.45 7.56
CA MET B 249 29.20 19.22 8.28
C MET B 249 27.75 18.80 8.12
N LEU B 250 26.83 19.77 8.10
CA LEU B 250 25.43 19.47 7.83
C LEU B 250 25.24 18.91 6.44
N PHE B 251 25.94 19.46 5.45
CA PHE B 251 25.77 19.00 4.07
C PHE B 251 26.32 17.60 3.88
N ASP B 252 27.51 17.30 4.40
CA ASP B 252 27.99 15.95 4.15
C ASP B 252 27.46 14.95 5.17
N SER B 253 26.68 15.40 6.15
CA SER B 253 25.86 14.46 6.92
C SER B 253 24.57 14.16 6.17
N ILE B 254 24.06 15.13 5.42
CA ILE B 254 22.77 14.91 4.77
C ILE B 254 22.92 14.30 3.38
N CYS B 255 24.10 14.37 2.77
CA CYS B 255 24.21 13.83 1.42
C CYS B 255 24.84 12.44 1.43
N ASN B 256 25.58 12.10 2.47
CA ASN B 256 26.06 10.75 2.67
C ASN B 256 25.12 9.93 3.53
N ASN B 257 23.91 10.42 3.74
CA ASN B 257 22.92 9.71 4.52
C ASN B 257 22.47 8.46 3.78
N LYS B 258 22.08 7.44 4.54
CA LYS B 258 21.79 6.14 3.95
C LYS B 258 20.49 6.11 3.16
N PHE B 259 19.62 7.11 3.31
CA PHE B 259 18.38 7.16 2.56
C PHE B 259 18.48 8.02 1.32
N PHE B 260 19.34 9.03 1.33
CA PHE B 260 19.48 9.95 0.21
C PHE B 260 20.70 9.60 -0.61
N ILE B 261 20.94 8.31 -0.80
CA ILE B 261 22.13 7.85 -1.49
C ILE B 261 22.04 8.10 -2.99
N ASP B 262 20.85 8.37 -3.52
CA ASP B 262 20.71 8.67 -4.94
C ASP B 262 19.83 9.87 -5.23
N THR B 263 19.25 10.52 -4.23
CA THR B 263 18.55 11.76 -4.47
C THR B 263 19.55 12.90 -4.64
N SER B 264 19.33 13.70 -5.67
CA SER B 264 20.28 14.72 -6.09
C SER B 264 19.99 16.03 -5.37
N ILE B 265 21.05 16.69 -4.93
CA ILE B 265 20.92 17.91 -4.15
C ILE B 265 21.08 19.09 -5.10
N ILE B 266 20.00 19.75 -5.42
CA ILE B 266 20.10 21.10 -5.98
C ILE B 266 20.50 22.00 -4.82
N LEU B 267 21.58 22.76 -5.01
CA LEU B 267 22.17 23.51 -3.92
C LEU B 267 22.14 24.98 -4.26
N PHE B 268 21.61 25.78 -3.34
CA PHE B 268 21.60 27.22 -3.50
C PHE B 268 22.68 27.83 -2.62
N LEU B 269 23.06 29.07 -2.93
CA LEU B 269 24.10 29.76 -2.17
C LEU B 269 23.68 31.23 -2.12
N ASN B 270 23.15 31.66 -0.97
CA ASN B 270 22.57 32.98 -0.90
C ASN B 270 23.57 34.00 -0.38
N LYS B 271 23.07 35.24 -0.23
CA LYS B 271 23.81 36.39 0.31
C LYS B 271 25.08 36.66 -0.47
N LYS B 272 24.97 36.77 -1.79
CA LYS B 272 26.18 36.84 -2.60
C LYS B 272 26.76 38.26 -2.64
N ASP B 273 25.93 39.30 -2.55
CA ASP B 273 26.47 40.64 -2.51
C ASP B 273 27.10 40.93 -1.16
N LEU B 274 26.54 40.33 -0.11
CA LEU B 274 27.18 40.37 1.20
C LEU B 274 28.54 39.68 1.16
N PHE B 275 28.66 38.61 0.38
CA PHE B 275 29.96 37.97 0.19
C PHE B 275 30.90 38.86 -0.60
N GLY B 276 30.37 39.59 -1.58
CA GLY B 276 31.21 40.50 -2.35
C GLY B 276 31.78 41.62 -1.50
N GLU B 277 30.96 42.19 -0.61
CA GLU B 277 31.48 43.22 0.28
C GLU B 277 32.39 42.62 1.35
N LYS B 278 32.10 41.39 1.78
CA LYS B 278 32.92 40.78 2.83
C LYS B 278 34.28 40.37 2.30
N ILE B 279 34.40 40.04 1.01
CA ILE B 279 35.74 39.87 0.48
C ILE B 279 36.31 41.20 0.02
N LYS B 280 35.46 42.22 -0.14
CA LYS B 280 35.95 43.55 -0.45
C LYS B 280 36.70 44.13 0.74
N LYS B 281 36.39 43.66 1.95
CA LYS B 281 37.16 44.12 3.10
C LYS B 281 37.97 43.01 3.79
N SER B 282 37.48 41.78 3.85
CA SER B 282 38.04 40.78 4.73
C SER B 282 38.43 39.54 3.95
N PRO B 283 39.45 38.79 4.42
CA PRO B 283 39.70 37.47 3.82
C PRO B 283 38.86 36.39 4.46
N LEU B 284 38.24 35.53 3.66
CA LEU B 284 37.54 34.40 4.24
C LEU B 284 38.42 33.17 4.33
N THR B 285 39.72 33.35 4.51
CA THR B 285 40.62 32.27 4.89
C THR B 285 40.50 32.02 6.39
N ILE B 286 39.77 32.91 7.07
CA ILE B 286 39.28 32.65 8.42
C ILE B 286 38.48 31.36 8.44
N CYS B 287 37.65 31.13 7.42
CA CYS B 287 36.94 29.87 7.32
C CYS B 287 37.79 28.80 6.68
N PHE B 288 38.64 29.17 5.72
CA PHE B 288 39.40 28.19 4.94
C PHE B 288 40.88 28.48 5.04
N PRO B 289 41.56 27.95 6.05
CA PRO B 289 42.99 28.25 6.23
C PRO B 289 43.90 27.65 5.19
N GLU B 290 43.50 26.55 4.54
CA GLU B 290 44.32 25.91 3.54
C GLU B 290 44.00 26.35 2.13
N TYR B 291 43.41 27.54 1.96
CA TYR B 291 43.04 28.01 0.64
C TYR B 291 44.19 28.76 0.00
N THR B 292 44.44 28.48 -1.27
CA THR B 292 45.44 29.18 -2.06
C THR B 292 44.75 29.78 -3.28
N GLY B 293 45.03 31.05 -3.55
CA GLY B 293 44.47 31.72 -4.70
C GLY B 293 44.16 33.18 -4.42
N PRO B 294 43.47 33.83 -5.37
CA PRO B 294 43.22 35.28 -5.23
C PRO B 294 42.17 35.62 -4.18
N ASN B 295 41.93 36.92 -4.00
CA ASN B 295 40.89 37.42 -3.11
C ASN B 295 39.75 38.04 -3.93
N THR B 296 39.48 37.48 -5.09
CA THR B 296 38.38 37.98 -5.92
C THR B 296 37.13 37.15 -5.70
N TYR B 297 36.04 37.57 -6.34
CA TYR B 297 34.72 37.02 -6.06
C TYR B 297 34.51 35.69 -6.75
N GLU B 298 34.86 35.62 -8.04
CA GLU B 298 34.61 34.42 -8.83
C GLU B 298 35.45 33.24 -8.37
N ASP B 299 36.72 33.47 -8.02
CA ASP B 299 37.56 32.39 -7.55
C ASP B 299 37.12 31.87 -6.20
N ALA B 300 36.74 32.78 -5.30
CA ALA B 300 36.26 32.37 -3.98
C ALA B 300 34.94 31.62 -4.09
N ALA B 301 34.06 32.06 -4.99
CA ALA B 301 32.79 31.39 -5.21
C ALA B 301 33.00 29.99 -5.76
N ALA B 302 33.90 29.86 -6.75
CA ALA B 302 34.18 28.55 -7.30
C ALA B 302 34.91 27.66 -6.29
N TYR B 303 35.68 28.26 -5.39
CA TYR B 303 36.37 27.48 -4.38
C TYR B 303 35.40 26.88 -3.38
N ILE B 304 34.46 27.70 -2.87
CA ILE B 304 33.49 27.14 -1.94
C ILE B 304 32.50 26.23 -2.65
N GLN B 305 32.25 26.46 -3.94
CA GLN B 305 31.41 25.55 -4.70
C GLN B 305 32.06 24.19 -4.86
N ALA B 306 33.37 24.17 -5.13
CA ALA B 306 34.08 22.90 -5.21
C ALA B 306 34.20 22.25 -3.84
N GLN B 307 34.29 23.07 -2.79
CA GLN B 307 34.31 22.54 -1.44
C GLN B 307 33.02 21.82 -1.10
N PHE B 308 31.89 22.37 -1.56
CA PHE B 308 30.62 21.69 -1.32
C PHE B 308 30.45 20.49 -2.25
N GLU B 309 30.89 20.61 -3.49
CA GLU B 309 30.66 19.54 -4.45
C GLU B 309 31.59 18.36 -4.20
N SER B 310 32.64 18.56 -3.42
CA SER B 310 33.57 17.47 -3.12
C SER B 310 33.05 16.56 -2.01
N LYS B 311 31.88 16.87 -1.46
CA LYS B 311 31.37 16.15 -0.30
C LYS B 311 30.48 14.97 -0.63
N ASN B 312 30.15 14.76 -1.90
CA ASN B 312 29.37 13.58 -2.25
C ASN B 312 30.28 12.46 -2.73
N ARG B 313 29.77 11.24 -2.70
CA ARG B 313 30.57 10.11 -3.12
C ARG B 313 29.82 9.10 -3.97
N SER B 314 28.56 9.33 -4.28
CA SER B 314 27.83 8.36 -5.08
C SER B 314 27.84 8.78 -6.54
N PRO B 315 27.87 7.82 -7.49
CA PRO B 315 27.94 8.19 -8.90
C PRO B 315 26.61 8.52 -9.54
N ASN B 316 25.52 7.95 -9.04
CA ASN B 316 24.20 8.13 -9.61
C ASN B 316 23.41 9.26 -8.95
N LYS B 317 24.08 10.27 -8.41
CA LYS B 317 23.45 11.49 -7.96
C LYS B 317 24.41 12.65 -8.22
N GLU B 318 23.87 13.86 -8.21
CA GLU B 318 24.67 14.99 -8.65
C GLU B 318 24.24 16.22 -7.88
N ILE B 319 25.01 17.29 -8.05
CA ILE B 319 24.81 18.54 -7.33
C ILE B 319 24.80 19.67 -8.34
N TYR B 320 23.72 20.43 -8.34
CA TYR B 320 23.64 21.66 -9.10
C TYR B 320 23.92 22.81 -8.15
N CYS B 321 24.29 23.95 -8.70
CA CYS B 321 24.72 25.09 -7.88
C CYS B 321 24.25 26.39 -8.49
N HIS B 322 23.99 27.37 -7.64
CA HIS B 322 23.53 28.67 -8.12
C HIS B 322 23.78 29.69 -7.01
N MET B 323 23.78 30.97 -7.38
CA MET B 323 23.90 32.08 -6.43
C MET B 323 22.65 32.93 -6.49
N THR B 324 22.24 33.51 -5.37
CA THR B 324 20.90 34.08 -5.25
C THR B 324 21.00 35.40 -4.48
N CYS B 325 19.87 35.87 -3.91
CA CYS B 325 19.59 37.00 -2.99
C CYS B 325 19.51 38.34 -3.69
N ALA B 326 19.88 38.38 -4.97
CA ALA B 326 19.56 39.50 -5.85
C ALA B 326 18.76 39.00 -7.03
N THR B 327 18.59 37.68 -7.12
CA THR B 327 17.92 37.06 -8.23
C THR B 327 16.42 37.29 -8.11
N ASP B 328 15.87 38.01 -9.09
CA ASP B 328 14.42 38.24 -9.15
C ASP B 328 13.82 37.12 -9.97
N THR B 329 13.49 36.03 -9.27
CA THR B 329 12.75 34.86 -9.74
C THR B 329 13.34 34.21 -10.98
N ASN B 330 14.67 34.20 -11.11
CA ASN B 330 15.28 33.30 -12.07
C ASN B 330 15.66 31.99 -11.40
N ASN B 331 15.70 32.00 -10.07
CA ASN B 331 16.05 30.80 -9.32
C ASN B 331 14.94 29.76 -9.37
N ILE B 332 13.70 30.22 -9.52
CA ILE B 332 12.60 29.28 -9.72
C ILE B 332 12.73 28.61 -11.09
N GLN B 333 13.22 29.35 -12.08
CA GLN B 333 13.55 28.77 -13.37
C GLN B 333 14.69 27.77 -13.23
N VAL B 334 15.63 28.04 -12.33
CA VAL B 334 16.73 27.12 -12.09
C VAL B 334 16.23 25.84 -11.45
N VAL B 335 15.29 25.96 -10.51
CA VAL B 335 14.66 24.81 -9.88
C VAL B 335 13.92 23.98 -10.93
N PHE B 336 13.26 24.66 -11.87
CA PHE B 336 12.51 23.99 -12.92
C PHE B 336 13.42 23.19 -13.85
N ASP B 337 14.49 23.82 -14.35
CA ASP B 337 15.36 23.11 -15.28
C ASP B 337 16.15 22.02 -14.58
N ALA B 338 16.53 22.26 -13.33
CA ALA B 338 17.26 21.24 -12.59
C ALA B 338 16.38 20.03 -12.28
N VAL B 339 15.11 20.26 -11.96
CA VAL B 339 14.27 19.11 -11.64
C VAL B 339 13.86 18.39 -12.93
N THR B 340 13.86 19.08 -14.07
CA THR B 340 13.65 18.33 -15.30
C THR B 340 14.87 17.50 -15.63
N ASP B 341 16.06 17.97 -15.27
CA ASP B 341 17.25 17.17 -15.45
C ASP B 341 17.21 15.92 -14.58
N ILE B 342 16.74 16.06 -13.32
CA ILE B 342 16.61 14.91 -12.45
C ILE B 342 15.54 13.93 -12.94
N ILE B 343 14.44 14.45 -13.50
CA ILE B 343 13.39 13.57 -13.98
C ILE B 343 13.84 12.81 -15.22
N ILE B 344 14.58 13.44 -16.14
CA ILE B 344 15.03 12.68 -17.30
C ILE B 344 16.13 11.70 -16.92
N ALA B 345 16.90 11.99 -15.88
CA ALA B 345 17.87 11.00 -15.42
C ALA B 345 17.18 9.81 -14.77
N ASN B 346 16.08 10.05 -14.05
CA ASN B 346 15.30 8.95 -13.50
C ASN B 346 14.64 8.13 -14.60
N ASN B 347 14.18 8.80 -15.65
CA ASN B 347 13.57 8.08 -16.76
C ASN B 347 14.60 7.31 -17.56
N LEU B 348 15.85 7.77 -17.57
CA LEU B 348 16.89 6.98 -18.21
C LEU B 348 17.24 5.75 -17.39
N ARG B 349 17.62 5.93 -16.13
CA ARG B 349 18.02 4.76 -15.36
C ARG B 349 16.85 3.93 -14.86
N GLY B 350 15.62 4.32 -15.16
CA GLY B 350 14.47 3.49 -14.88
C GLY B 350 14.13 2.61 -16.06
N CYS B 351 14.33 3.13 -17.27
CA CYS B 351 14.06 2.37 -18.48
C CYS B 351 15.28 1.56 -18.93
N GLY B 352 16.34 1.55 -18.13
CA GLY B 352 17.49 0.72 -18.39
C GLY B 352 18.47 1.25 -19.39
N LEU B 353 18.27 2.46 -19.90
CA LEU B 353 19.16 3.03 -20.89
C LEU B 353 20.41 3.64 -20.29
N TYR B 354 20.55 3.64 -18.97
CA TYR B 354 21.66 4.32 -18.35
C TYR B 354 22.66 3.30 -17.81
N GLU C 8 25.76 23.47 45.87
CA GLU C 8 24.75 22.43 46.04
C GLU C 8 24.24 21.89 44.71
N LEU C 9 24.66 22.49 43.59
CA LEU C 9 24.36 21.92 42.27
C LEU C 9 25.00 20.56 42.09
N ASP C 10 26.32 20.48 42.25
CA ASP C 10 27.00 19.19 42.15
C ASP C 10 26.69 18.31 43.36
N GLN C 11 26.25 18.90 44.47
CA GLN C 11 25.77 18.10 45.59
C GLN C 11 24.47 17.40 45.24
N LEU C 12 23.56 18.07 44.55
CA LEU C 12 22.36 17.41 44.05
C LEU C 12 22.71 16.38 42.98
N ARG C 13 23.73 16.66 42.17
CA ARG C 13 24.19 15.70 41.17
C ARG C 13 24.72 14.42 41.83
N GLN C 14 25.58 14.56 42.84
CA GLN C 14 26.12 13.38 43.50
C GLN C 14 25.06 12.71 44.37
N GLU C 15 24.04 13.45 44.79
CA GLU C 15 22.91 12.82 45.47
C GLU C 15 22.11 11.96 44.51
N ALA C 16 21.95 12.42 43.27
CA ALA C 16 21.33 11.59 42.24
C ALA C 16 22.18 10.34 41.97
N GLU C 17 23.51 10.51 41.98
CA GLU C 17 24.40 9.35 41.85
C GLU C 17 24.24 8.39 43.01
N GLN C 18 24.06 8.93 44.23
CA GLN C 18 23.85 8.12 45.43
C GLN C 18 22.58 7.29 45.31
N LEU C 19 21.48 7.92 44.89
CA LEU C 19 20.22 7.20 44.80
C LEU C 19 20.22 6.21 43.64
N LYS C 20 20.87 6.51 42.52
CA LYS C 20 20.86 5.52 41.46
C LYS C 20 21.83 4.37 41.75
N ASN C 21 22.86 4.62 42.55
CA ASN C 21 23.71 3.52 42.99
C ASN C 21 23.00 2.65 44.01
N GLN C 22 22.15 3.22 44.85
CA GLN C 22 21.39 2.35 45.73
C GLN C 22 20.25 1.64 45.00
N ILE C 23 19.75 2.20 43.90
CA ILE C 23 18.84 1.45 43.04
C ILE C 23 19.54 0.28 42.39
N ARG C 24 20.77 0.49 41.91
CA ARG C 24 21.53 -0.62 41.33
C ARG C 24 21.90 -1.66 42.38
N ASP C 25 22.12 -1.21 43.62
CA ASP C 25 22.31 -2.12 44.74
C ASP C 25 21.07 -2.97 45.00
N ALA C 26 19.89 -2.34 44.96
CA ALA C 26 18.66 -3.09 45.16
C ALA C 26 18.38 -4.03 44.00
N ARG C 27 18.78 -3.66 42.78
CA ARG C 27 18.59 -4.54 41.64
C ARG C 27 19.55 -5.72 41.68
N LYS C 28 20.77 -5.51 42.14
CA LYS C 28 21.70 -6.61 42.33
C LYS C 28 21.29 -7.52 43.47
N ALA C 29 20.80 -6.97 44.57
CA ALA C 29 20.48 -7.79 45.75
C ALA C 29 19.20 -8.59 45.53
N CYS C 30 18.32 -8.12 44.66
CA CYS C 30 17.12 -8.88 44.33
C CYS C 30 17.35 -9.86 43.19
N ALA C 31 18.51 -9.83 42.56
CA ALA C 31 18.86 -10.74 41.48
C ALA C 31 19.55 -11.97 42.08
N ASP C 32 18.82 -13.07 42.20
CA ASP C 32 19.36 -14.29 42.77
C ASP C 32 19.53 -15.40 41.74
N ALA C 33 19.14 -15.17 40.49
CA ALA C 33 19.26 -16.19 39.45
C ALA C 33 19.27 -15.49 38.10
N THR C 34 19.40 -16.29 37.04
CA THR C 34 19.22 -15.83 35.68
C THR C 34 17.98 -16.50 35.11
N LEU C 35 17.48 -15.95 34.00
CA LEU C 35 16.26 -16.51 33.42
C LEU C 35 16.53 -17.86 32.78
N SER C 36 17.62 -17.98 32.02
CA SER C 36 17.88 -19.25 31.36
C SER C 36 18.50 -20.30 32.28
N GLN C 37 18.72 -19.96 33.55
CA GLN C 37 18.99 -20.99 34.55
C GLN C 37 17.76 -21.86 34.76
N ILE C 38 16.58 -21.31 34.52
CA ILE C 38 15.33 -22.02 34.76
C ILE C 38 14.76 -22.60 33.48
N THR C 39 15.21 -22.16 32.31
CA THR C 39 14.68 -22.68 31.06
C THR C 39 15.28 -24.01 30.63
N ASN C 40 16.17 -24.60 31.43
CA ASN C 40 16.82 -25.85 31.02
C ASN C 40 15.88 -27.04 31.09
N ASN C 41 14.79 -26.96 31.86
CA ASN C 41 13.93 -28.11 32.03
C ASN C 41 12.80 -28.10 31.00
N ILE C 42 12.39 -26.93 30.56
CA ILE C 42 11.27 -26.82 29.63
C ILE C 42 11.76 -27.17 28.22
N ASP C 43 11.01 -28.00 27.54
CA ASP C 43 11.36 -28.47 26.20
C ASP C 43 11.10 -27.36 25.18
N PRO C 44 11.92 -27.24 24.14
CA PRO C 44 11.78 -26.12 23.21
C PRO C 44 10.59 -26.29 22.29
N VAL C 45 10.44 -25.31 21.39
CA VAL C 45 9.30 -25.28 20.48
C VAL C 45 9.67 -25.67 19.06
N GLY C 46 10.95 -25.81 18.75
CA GLY C 46 11.36 -26.25 17.43
C GLY C 46 11.12 -25.20 16.38
N ARG C 47 11.10 -25.67 15.14
CA ARG C 47 10.89 -24.80 13.98
C ARG C 47 9.44 -24.37 13.94
N ILE C 48 9.21 -23.07 13.97
CA ILE C 48 7.87 -22.50 13.87
C ILE C 48 7.82 -21.77 12.54
N GLN C 49 7.37 -22.46 11.50
CA GLN C 49 7.20 -21.86 10.19
C GLN C 49 5.77 -21.38 10.03
N MET C 50 5.62 -20.21 9.42
CA MET C 50 4.32 -19.60 9.21
C MET C 50 4.22 -19.12 7.77
N ARG C 51 3.08 -19.39 7.17
CA ARG C 51 2.83 -19.06 5.78
C ARG C 51 2.06 -17.76 5.68
N THR C 52 2.29 -17.03 4.60
CA THR C 52 1.41 -15.93 4.24
C THR C 52 0.01 -16.45 3.92
N ARG C 53 -0.98 -16.06 4.70
CA ARG C 53 -2.34 -16.45 4.38
C ARG C 53 -3.04 -15.43 3.50
N ARG C 54 -2.85 -14.14 3.75
CA ARG C 54 -3.37 -13.10 2.89
C ARG C 54 -2.28 -12.07 2.67
N THR C 55 -2.34 -11.40 1.54
CA THR C 55 -1.59 -10.17 1.33
C THR C 55 -2.57 -9.08 0.95
N LEU C 56 -2.26 -7.86 1.35
CA LEU C 56 -3.21 -6.76 1.28
C LEU C 56 -2.59 -5.65 0.45
N ARG C 57 -2.93 -5.62 -0.84
CA ARG C 57 -2.28 -4.73 -1.79
C ARG C 57 -3.13 -3.48 -1.96
N GLY C 58 -3.05 -2.57 -1.00
CA GLY C 58 -3.91 -1.41 -1.10
C GLY C 58 -3.21 -0.07 -1.23
N HIS C 59 -2.05 0.08 -0.59
CA HIS C 59 -1.39 1.37 -0.54
C HIS C 59 -0.42 1.48 -1.71
N LEU C 60 0.13 2.67 -1.86
CA LEU C 60 1.16 2.91 -2.85
C LEU C 60 2.47 3.32 -2.21
N ALA C 61 2.45 4.23 -1.27
CA ALA C 61 3.65 4.63 -0.57
C ALA C 61 3.91 3.66 0.56
N LYS C 62 4.90 3.97 1.38
CA LYS C 62 5.33 3.07 2.44
C LYS C 62 4.37 3.06 3.61
N ILE C 63 4.17 1.89 4.19
CA ILE C 63 3.27 1.71 5.32
C ILE C 63 4.01 2.03 6.61
N TYR C 64 3.40 2.86 7.45
CA TYR C 64 4.03 3.21 8.70
C TYR C 64 3.37 2.60 9.92
N ALA C 65 2.08 2.33 9.90
CA ALA C 65 1.50 1.76 11.10
C ALA C 65 0.36 0.81 10.79
N MET C 66 0.13 -0.08 11.74
CA MET C 66 -0.93 -1.06 11.67
C MET C 66 -1.48 -1.27 13.06
N HIS C 67 -2.76 -1.60 13.15
CA HIS C 67 -3.34 -1.93 14.43
C HIS C 67 -4.59 -2.78 14.23
N TRP C 68 -4.69 -3.83 15.01
CA TRP C 68 -5.79 -4.76 14.87
C TRP C 68 -7.05 -4.20 15.49
N GLY C 69 -8.16 -4.86 15.26
CA GLY C 69 -9.39 -4.54 15.95
C GLY C 69 -9.65 -5.59 16.99
N THR C 70 -10.47 -5.26 17.98
CA THR C 70 -10.60 -6.15 19.13
C THR C 70 -11.43 -7.38 18.82
N ASP C 71 -12.22 -7.36 17.75
CA ASP C 71 -12.86 -8.58 17.26
C ASP C 71 -11.94 -9.39 16.37
N SER C 72 -10.66 -9.01 16.26
CA SER C 72 -9.60 -9.79 15.61
C SER C 72 -9.86 -9.99 14.12
N ARG C 73 -10.68 -9.17 13.54
CA ARG C 73 -10.95 -9.27 12.11
C ARG C 73 -10.59 -8.01 11.37
N LEU C 74 -11.03 -6.86 11.84
CA LEU C 74 -10.75 -5.61 11.16
C LEU C 74 -9.31 -5.18 11.43
N LEU C 75 -8.86 -4.19 10.68
CA LEU C 75 -7.44 -3.86 10.66
C LEU C 75 -7.29 -2.44 10.16
N VAL C 76 -6.42 -1.66 10.78
CA VAL C 76 -6.14 -0.31 10.31
C VAL C 76 -4.71 -0.27 9.83
N SER C 77 -4.48 0.27 8.65
CA SER C 77 -3.14 0.58 8.21
C SER C 77 -3.06 2.03 7.82
N ALA C 78 -2.06 2.72 8.34
CA ALA C 78 -1.83 4.12 8.04
C ALA C 78 -0.54 4.24 7.26
N SER C 79 -0.62 4.88 6.09
CA SER C 79 0.51 4.90 5.17
C SER C 79 0.61 6.26 4.51
N GLN C 80 1.83 6.55 4.07
CA GLN C 80 2.26 7.89 3.69
C GLN C 80 1.88 8.26 2.28
N ASP C 81 0.95 7.58 1.65
CA ASP C 81 0.25 8.15 0.51
C ASP C 81 -0.85 9.11 0.94
N GLY C 82 -0.93 9.43 2.22
CA GLY C 82 -2.03 10.18 2.75
C GLY C 82 -3.26 9.34 2.92
N LYS C 83 -3.10 8.06 3.29
CA LYS C 83 -4.25 7.18 3.33
C LYS C 83 -4.23 6.37 4.60
N LEU C 84 -5.35 6.38 5.31
CA LEU C 84 -5.52 5.51 6.46
C LEU C 84 -6.70 4.63 6.13
N ILE C 85 -6.46 3.37 5.81
CA ILE C 85 -7.54 2.53 5.29
C ILE C 85 -7.75 1.36 6.24
N ILE C 86 -9.00 1.00 6.44
CA ILE C 86 -9.31 -0.09 7.33
C ILE C 86 -9.92 -1.22 6.51
N TRP C 87 -9.60 -2.42 6.95
CA TRP C 87 -9.53 -3.65 6.19
C TRP C 87 -10.28 -4.74 6.92
N ASP C 88 -11.10 -5.47 6.19
CA ASP C 88 -11.40 -6.81 6.65
C ASP C 88 -10.17 -7.66 6.41
N SER C 89 -10.04 -8.73 7.17
CA SER C 89 -8.89 -9.61 6.99
C SER C 89 -9.26 -11.04 6.68
N TYR C 90 -10.48 -11.47 6.94
CA TYR C 90 -10.87 -12.81 6.54
C TYR C 90 -11.04 -12.88 5.04
N THR C 91 -11.73 -11.92 4.45
CA THR C 91 -12.01 -11.92 3.02
C THR C 91 -11.31 -10.78 2.30
N THR C 92 -10.22 -10.25 2.86
CA THR C 92 -9.33 -9.18 2.36
C THR C 92 -9.99 -8.03 1.60
N ASN C 93 -11.21 -7.64 1.99
CA ASN C 93 -11.83 -6.46 1.42
C ASN C 93 -11.28 -5.22 2.10
N LYS C 94 -11.57 -4.05 1.53
CA LYS C 94 -11.32 -2.79 2.22
C LYS C 94 -12.66 -2.20 2.57
N VAL C 95 -12.90 -1.92 3.84
CA VAL C 95 -14.19 -1.42 4.26
C VAL C 95 -14.21 0.08 4.47
N HIS C 96 -13.06 0.73 4.63
CA HIS C 96 -13.04 2.18 4.59
C HIS C 96 -11.69 2.63 4.06
N ALA C 97 -11.67 3.76 3.38
CA ALA C 97 -10.42 4.42 2.99
C ALA C 97 -10.56 5.89 3.33
N ILE C 98 -9.81 6.34 4.33
CA ILE C 98 -9.98 7.68 4.85
C ILE C 98 -8.81 8.53 4.37
N PRO C 99 -9.06 9.62 3.64
CA PRO C 99 -7.97 10.48 3.22
C PRO C 99 -7.56 11.43 4.34
N LEU C 100 -6.27 11.46 4.63
CA LEU C 100 -5.79 12.29 5.71
C LEU C 100 -5.65 13.73 5.25
N ARG C 101 -5.35 14.62 6.18
CA ARG C 101 -5.08 16.02 5.85
C ARG C 101 -3.60 16.23 5.59
N SER C 102 -2.75 15.70 6.47
CA SER C 102 -1.31 15.76 6.29
C SER C 102 -0.80 14.35 5.99
N SER C 103 -0.05 14.21 4.90
CA SER C 103 0.33 12.90 4.41
C SER C 103 1.63 12.39 5.01
N TRP C 104 2.00 12.88 6.19
CA TRP C 104 3.12 12.30 6.94
C TRP C 104 2.52 11.74 8.21
N VAL C 105 2.33 10.47 8.22
CA VAL C 105 1.65 9.80 9.30
C VAL C 105 2.54 8.69 9.82
N MET C 106 2.80 8.71 11.12
CA MET C 106 3.73 7.78 11.72
C MET C 106 3.10 6.88 12.75
N THR C 107 1.78 6.90 12.89
CA THR C 107 1.09 6.03 13.82
C THR C 107 -0.34 5.82 13.40
N CYS C 108 -1.01 4.89 14.08
CA CYS C 108 -2.44 4.67 13.94
C CYS C 108 -2.92 3.93 15.17
N ALA C 109 -4.24 3.88 15.34
CA ALA C 109 -4.83 3.23 16.50
C ALA C 109 -6.25 2.85 16.16
N TYR C 110 -6.80 1.89 16.87
CA TYR C 110 -8.14 1.41 16.59
C TYR C 110 -8.82 1.06 17.91
N ALA C 111 -10.06 1.51 18.05
CA ALA C 111 -10.70 1.54 19.35
C ALA C 111 -11.07 0.15 19.84
N PRO C 112 -11.01 -0.07 21.16
CA PRO C 112 -11.49 -1.33 21.71
C PRO C 112 -12.98 -1.55 21.54
N SER C 113 -13.75 -0.49 21.30
CA SER C 113 -15.12 -0.67 20.87
C SER C 113 -15.25 -0.67 19.36
N GLY C 114 -14.20 -0.30 18.63
CA GLY C 114 -14.25 -0.34 17.19
C GLY C 114 -15.00 0.79 16.54
N ASN C 115 -15.23 1.89 17.25
CA ASN C 115 -15.94 3.02 16.68
C ASN C 115 -15.03 4.10 16.16
N TYR C 116 -13.82 4.21 16.68
CA TYR C 116 -12.98 5.35 16.37
C TYR C 116 -11.63 4.88 15.89
N VAL C 117 -10.96 5.75 15.14
CA VAL C 117 -9.62 5.52 14.64
C VAL C 117 -8.78 6.75 14.90
N ALA C 118 -7.70 6.60 15.63
CA ALA C 118 -6.80 7.72 15.86
C ALA C 118 -5.72 7.73 14.80
N CYS C 119 -5.06 8.87 14.67
CA CYS C 119 -4.01 9.01 13.66
C CYS C 119 -3.10 10.17 14.05
N GLY C 120 -1.86 10.11 13.61
CA GLY C 120 -0.92 11.16 13.93
C GLY C 120 0.36 11.00 13.15
N GLY C 121 1.16 12.06 13.17
CA GLY C 121 2.41 12.02 12.44
C GLY C 121 3.29 13.23 12.64
N LEU C 122 3.85 13.76 11.56
CA LEU C 122 4.67 14.95 11.63
C LEU C 122 3.85 16.23 11.69
N ASP C 123 2.53 16.13 11.69
CA ASP C 123 1.67 17.30 11.80
C ASP C 123 1.52 17.78 13.23
N ASN C 124 2.07 17.03 14.20
CA ASN C 124 1.97 17.27 15.64
C ASN C 124 0.54 17.27 16.14
N ILE C 125 -0.37 16.60 15.43
CA ILE C 125 -1.79 16.67 15.69
C ILE C 125 -2.37 15.27 15.60
N CYS C 126 -2.96 14.81 16.69
CA CYS C 126 -3.63 13.51 16.69
C CYS C 126 -5.10 13.70 16.32
N SER C 127 -5.51 13.12 15.20
CA SER C 127 -6.88 13.22 14.74
C SER C 127 -7.67 12.01 15.17
N ILE C 128 -8.93 12.21 15.50
CA ILE C 128 -9.82 11.14 15.91
C ILE C 128 -10.96 11.08 14.93
N TYR C 129 -10.98 10.03 14.11
CA TYR C 129 -11.99 9.79 13.10
C TYR C 129 -13.09 8.91 13.67
N ASN C 130 -14.33 9.37 13.57
CA ASN C 130 -15.47 8.52 13.84
C ASN C 130 -15.69 7.58 12.67
N LEU C 131 -16.24 6.41 12.94
CA LEU C 131 -16.54 5.46 11.89
C LEU C 131 -18.01 5.14 11.73
N LYS C 132 -18.78 5.21 12.81
CA LYS C 132 -20.18 4.82 12.81
C LYS C 132 -21.10 6.02 12.66
N THR C 133 -20.72 6.96 11.81
CA THR C 133 -21.53 8.15 11.56
C THR C 133 -22.87 7.77 10.96
N ARG C 134 -23.90 8.53 11.31
CA ARG C 134 -25.20 8.37 10.69
C ARG C 134 -25.18 8.80 9.23
N GLU C 135 -24.31 9.74 8.88
CA GLU C 135 -24.26 10.33 7.55
C GLU C 135 -23.40 9.53 6.59
N GLY C 136 -23.20 8.24 6.83
CA GLY C 136 -22.48 7.45 5.85
C GLY C 136 -20.99 7.38 6.10
N ASN C 137 -20.25 8.28 5.47
CA ASN C 137 -18.80 8.26 5.47
C ASN C 137 -18.23 8.63 6.84
N VAL C 138 -16.91 8.71 6.88
CA VAL C 138 -16.21 9.03 8.12
C VAL C 138 -15.93 10.51 8.18
N ARG C 139 -15.97 11.07 9.38
CA ARG C 139 -15.69 12.47 9.60
C ARG C 139 -14.65 12.62 10.68
N VAL C 140 -13.81 13.65 10.56
CA VAL C 140 -12.82 13.96 11.57
C VAL C 140 -13.56 14.50 12.78
N SER C 141 -13.74 13.68 13.80
CA SER C 141 -14.53 14.12 14.93
C SER C 141 -13.73 15.05 15.83
N ARG C 142 -12.54 14.63 16.25
CA ARG C 142 -11.71 15.50 17.09
C ARG C 142 -10.36 15.72 16.45
N GLU C 143 -9.73 16.83 16.84
CA GLU C 143 -8.45 17.25 16.28
C GLU C 143 -7.58 17.73 17.44
N LEU C 144 -6.86 16.83 18.08
CA LEU C 144 -6.10 17.16 19.28
C LEU C 144 -4.74 17.72 18.88
N ALA C 145 -4.42 18.93 19.36
CA ALA C 145 -3.20 19.63 18.95
C ALA C 145 -2.57 20.31 20.17
N GLY C 146 -1.65 19.62 20.83
CA GLY C 146 -1.00 20.22 21.98
C GLY C 146 0.50 20.04 22.08
N HIS C 147 1.08 19.16 21.27
CA HIS C 147 2.50 18.91 21.38
C HIS C 147 3.27 19.91 20.53
N THR C 148 4.57 19.73 20.46
CA THR C 148 5.38 20.50 19.54
C THR C 148 6.20 19.64 18.61
N GLY C 149 6.70 18.51 19.09
CA GLY C 149 7.32 17.55 18.21
C GLY C 149 6.30 16.72 17.48
N TYR C 150 6.81 15.75 16.72
CA TYR C 150 5.97 14.81 15.99
C TYR C 150 5.26 13.85 16.96
N LEU C 151 4.46 12.97 16.39
CA LEU C 151 3.79 11.93 17.17
C LEU C 151 4.41 10.58 16.85
N SER C 152 4.34 9.67 17.83
CA SER C 152 5.04 8.42 17.63
C SER C 152 4.15 7.21 17.84
N CYS C 153 3.24 7.29 18.80
CA CYS C 153 2.29 6.20 19.01
C CYS C 153 1.07 6.76 19.71
N CYS C 154 -0.09 6.21 19.39
CA CYS C 154 -1.33 6.57 20.06
C CYS C 154 -2.06 5.29 20.44
N ARG C 155 -2.65 5.28 21.61
CA ARG C 155 -3.44 4.14 22.03
C ARG C 155 -4.71 4.65 22.68
N PHE C 156 -5.78 3.88 22.54
CA PHE C 156 -7.06 4.22 23.13
C PHE C 156 -7.25 3.48 24.44
N LEU C 157 -7.67 4.20 25.47
CA LEU C 157 -8.11 3.53 26.69
C LEU C 157 -9.54 3.04 26.55
N ASP C 158 -10.41 3.92 26.07
CA ASP C 158 -11.77 3.61 25.69
C ASP C 158 -12.12 4.56 24.57
N ASP C 159 -13.40 4.78 24.33
CA ASP C 159 -13.78 5.77 23.33
C ASP C 159 -13.66 7.21 23.82
N ASN C 160 -13.16 7.41 25.05
CA ASN C 160 -13.19 8.72 25.66
C ASN C 160 -11.83 9.31 26.02
N GLN C 161 -10.78 8.50 26.15
CA GLN C 161 -9.49 9.09 26.47
C GLN C 161 -8.38 8.34 25.75
N ILE C 162 -7.39 9.10 25.31
CA ILE C 162 -6.33 8.63 24.43
C ILE C 162 -4.99 9.10 24.94
N VAL C 163 -4.04 8.20 25.11
CA VAL C 163 -2.70 8.54 25.54
C VAL C 163 -1.78 8.56 24.33
N THR C 164 -1.05 9.65 24.16
CA THR C 164 -0.15 9.82 23.03
C THR C 164 1.28 9.96 23.51
N SER C 165 2.21 9.72 22.59
CA SER C 165 3.64 9.89 22.84
C SER C 165 4.24 10.73 21.73
N SER C 166 5.22 11.57 22.08
CA SER C 166 5.55 12.65 21.16
C SER C 166 7.03 12.78 20.85
N GLY C 167 7.41 13.87 20.22
CA GLY C 167 8.80 14.05 19.84
C GLY C 167 9.51 15.09 20.66
N ASP C 168 8.77 15.80 21.51
CA ASP C 168 9.35 16.79 22.42
C ASP C 168 9.43 16.24 23.83
N THR C 169 9.84 14.97 23.94
CA THR C 169 10.18 14.24 25.18
C THR C 169 8.99 14.00 26.10
N THR C 170 7.80 14.41 25.71
CA THR C 170 6.64 14.27 26.57
C THR C 170 5.67 13.24 26.05
N CYS C 171 4.87 12.71 26.96
CA CYS C 171 3.68 11.96 26.62
C CYS C 171 2.49 12.68 27.23
N ALA C 172 1.29 12.28 26.83
CA ALA C 172 0.13 12.96 27.35
C ALA C 172 -1.07 12.03 27.37
N LEU C 173 -2.07 12.41 28.15
CA LEU C 173 -3.38 11.77 28.13
C LEU C 173 -4.39 12.85 27.82
N TRP C 174 -5.17 12.65 26.77
CA TRP C 174 -6.20 13.55 26.31
C TRP C 174 -7.57 12.99 26.65
N ASP C 175 -8.50 13.89 26.95
CA ASP C 175 -9.92 13.60 26.99
C ASP C 175 -10.50 13.95 25.63
N ILE C 176 -11.17 12.99 25.01
CA ILE C 176 -11.53 13.11 23.61
C ILE C 176 -12.67 14.12 23.42
N GLU C 177 -13.72 13.99 24.22
CA GLU C 177 -14.92 14.80 24.00
C GLU C 177 -14.70 16.26 24.38
N THR C 178 -13.66 16.56 25.14
CA THR C 178 -13.33 17.96 25.42
C THR C 178 -12.20 18.43 24.52
N GLY C 179 -11.27 17.54 24.19
CA GLY C 179 -10.14 17.90 23.37
C GLY C 179 -9.02 18.56 24.13
N GLN C 180 -8.95 18.37 25.45
CA GLN C 180 -8.00 19.08 26.28
C GLN C 180 -7.04 18.10 26.90
N GLN C 181 -5.78 18.52 27.02
CA GLN C 181 -4.71 17.69 27.56
C GLN C 181 -4.95 17.51 29.04
N THR C 182 -5.52 16.37 29.41
CA THR C 182 -5.83 16.11 30.81
C THR C 182 -4.56 15.95 31.63
N THR C 183 -3.61 15.16 31.16
CA THR C 183 -2.41 14.92 31.94
C THR C 183 -1.18 14.94 31.05
N THR C 184 -0.11 15.57 31.51
CA THR C 184 1.16 15.54 30.82
C THR C 184 2.18 14.75 31.60
N PHE C 185 2.70 13.69 30.99
CA PHE C 185 3.77 12.90 31.57
C PHE C 185 5.08 13.38 30.97
N THR C 186 6.04 13.72 31.83
CA THR C 186 7.34 14.11 31.33
C THR C 186 8.41 13.60 32.29
N GLY C 187 9.64 13.55 31.79
CA GLY C 187 10.72 12.94 32.54
C GLY C 187 11.69 12.26 31.61
N HIS C 188 11.37 12.18 30.34
CA HIS C 188 12.29 11.62 29.37
C HIS C 188 13.30 12.67 28.98
N THR C 189 14.44 12.24 28.45
CA THR C 189 15.43 13.18 27.94
C THR C 189 15.60 13.09 26.44
N GLY C 190 14.88 12.20 25.76
CA GLY C 190 14.87 12.17 24.31
C GLY C 190 13.47 11.95 23.77
N ASP C 191 13.35 11.73 22.48
CA ASP C 191 12.07 11.55 21.81
C ASP C 191 11.50 10.21 22.22
N VAL C 192 10.28 10.21 22.75
CA VAL C 192 9.63 8.96 23.10
C VAL C 192 8.99 8.35 21.86
N MET C 193 9.26 7.07 21.60
CA MET C 193 9.00 6.48 20.30
C MET C 193 8.10 5.25 20.36
N SER C 194 7.55 4.89 21.51
CA SER C 194 6.63 3.77 21.57
C SER C 194 5.69 3.97 22.75
N LEU C 195 4.71 3.08 22.85
CA LEU C 195 3.68 3.18 23.87
C LEU C 195 2.88 1.89 23.87
N SER C 196 2.49 1.43 25.05
CA SER C 196 1.67 0.24 25.14
C SER C 196 0.94 0.24 26.47
N LEU C 197 -0.37 0.10 26.42
CA LEU C 197 -1.17 0.07 27.63
C LEU C 197 -1.08 -1.30 28.28
N ALA C 198 -1.40 -1.34 29.57
CA ALA C 198 -1.59 -2.61 30.24
C ALA C 198 -2.87 -3.25 29.74
N PRO C 199 -2.98 -4.57 29.85
CA PRO C 199 -4.28 -5.22 29.55
C PRO C 199 -5.42 -4.77 30.44
N ASP C 200 -5.14 -4.33 31.65
CA ASP C 200 -6.16 -3.70 32.48
C ASP C 200 -6.19 -2.20 32.34
N THR C 201 -5.28 -1.64 31.53
CA THR C 201 -5.21 -0.22 31.16
C THR C 201 -5.09 0.70 32.36
N ARG C 202 -4.48 0.20 33.43
CA ARG C 202 -4.26 1.03 34.62
C ARG C 202 -2.99 1.86 34.51
N LEU C 203 -2.04 1.41 33.70
CA LEU C 203 -0.70 1.96 33.69
C LEU C 203 -0.02 1.57 32.39
N PHE C 204 1.01 2.30 31.99
CA PHE C 204 1.60 2.07 30.69
C PHE C 204 3.07 2.42 30.70
N VAL C 205 3.80 1.93 29.71
CA VAL C 205 5.22 2.16 29.58
C VAL C 205 5.48 2.98 28.33
N SER C 206 6.62 3.63 28.28
CA SER C 206 7.03 4.37 27.10
C SER C 206 8.53 4.35 27.02
N GLY C 207 9.05 4.09 25.82
CA GLY C 207 10.49 4.00 25.62
C GLY C 207 10.95 5.13 24.74
N ALA C 208 12.04 5.76 25.13
CA ALA C 208 12.47 6.95 24.42
C ALA C 208 13.81 6.75 23.76
N CYS C 209 14.36 7.84 23.19
CA CYS C 209 15.62 7.79 22.48
C CYS C 209 16.81 7.93 23.40
N ASP C 210 16.66 7.60 24.68
CA ASP C 210 17.75 7.59 25.64
C ASP C 210 17.83 6.27 26.39
N ALA C 211 17.34 5.19 25.78
CA ALA C 211 17.40 3.82 26.26
C ALA C 211 16.72 3.62 27.60
N SER C 212 15.71 4.41 27.92
CA SER C 212 15.11 4.36 29.25
C SER C 212 13.61 4.17 29.12
N ALA C 213 13.19 2.92 29.11
CA ALA C 213 11.77 2.62 29.16
C ALA C 213 11.22 2.95 30.53
N LYS C 214 10.33 3.93 30.61
CA LYS C 214 9.76 4.35 31.88
C LYS C 214 8.35 3.82 31.99
N LEU C 215 8.02 3.29 33.16
CA LEU C 215 6.66 2.87 33.46
C LEU C 215 5.96 3.97 34.25
N TRP C 216 4.86 4.45 33.68
CA TRP C 216 3.98 5.49 34.20
C TRP C 216 2.68 4.84 34.61
N ASP C 217 1.84 5.58 35.32
CA ASP C 217 0.46 5.18 35.54
C ASP C 217 -0.47 6.28 35.07
N VAL C 218 -1.54 5.90 34.37
CA VAL C 218 -2.41 6.87 33.73
C VAL C 218 -3.29 7.62 34.72
N ARG C 219 -3.45 7.11 35.94
CA ARG C 219 -4.39 7.71 36.88
C ARG C 219 -3.74 8.80 37.70
N GLU C 220 -2.49 8.64 38.09
CA GLU C 220 -1.85 9.61 38.98
C GLU C 220 -1.20 10.74 38.18
N GLY C 221 -0.23 10.42 37.35
CA GLY C 221 0.31 11.45 36.48
C GLY C 221 1.80 11.68 36.52
N MET C 222 2.54 10.73 37.09
CA MET C 222 4.00 10.81 37.07
C MET C 222 4.60 9.42 37.20
N CYS C 223 5.89 9.34 36.90
CA CYS C 223 6.58 8.09 36.64
C CYS C 223 6.71 7.24 37.90
N ARG C 224 6.42 5.96 37.74
CA ARG C 224 6.59 5.02 38.83
C ARG C 224 7.91 4.29 38.77
N GLN C 225 8.30 3.77 37.62
CA GLN C 225 9.54 3.00 37.55
C GLN C 225 10.32 3.38 36.30
N THR C 226 11.61 3.12 36.33
CA THR C 226 12.47 3.37 35.18
C THR C 226 13.34 2.16 34.92
N PHE C 227 13.53 1.83 33.64
CA PHE C 227 14.40 0.72 33.26
C PHE C 227 15.35 1.22 32.20
N THR C 228 16.65 1.06 32.44
CA THR C 228 17.68 1.53 31.53
C THR C 228 18.65 0.37 31.33
N GLY C 229 18.49 -0.35 30.22
CA GLY C 229 19.37 -1.45 29.92
C GLY C 229 20.03 -1.35 28.56
N HIS C 230 19.40 -0.65 27.63
CA HIS C 230 19.88 -0.65 26.26
C HIS C 230 21.09 0.27 26.10
N GLU C 231 21.59 0.31 24.88
CA GLU C 231 22.71 1.17 24.54
C GLU C 231 22.33 2.29 23.58
N SER C 232 21.16 2.25 22.97
CA SER C 232 20.77 3.21 21.96
C SER C 232 19.26 3.36 21.98
N ASP C 233 18.71 3.90 20.89
CA ASP C 233 17.34 4.42 20.88
C ASP C 233 16.31 3.31 20.91
N ILE C 234 15.44 3.34 21.91
CA ILE C 234 14.32 2.40 21.98
C ILE C 234 13.31 2.73 20.90
N ASN C 235 12.84 1.72 20.18
CA ASN C 235 11.94 1.95 19.06
C ASN C 235 10.61 1.24 19.18
N ALA C 236 10.44 0.30 20.11
CA ALA C 236 9.20 -0.46 20.19
C ALA C 236 9.10 -1.16 21.52
N ILE C 237 7.87 -1.22 22.05
CA ILE C 237 7.58 -1.85 23.34
C ILE C 237 6.26 -2.59 23.22
N CYS C 238 6.18 -3.81 23.75
CA CYS C 238 4.90 -4.44 24.04
C CYS C 238 4.93 -5.08 25.42
N PHE C 239 3.76 -5.15 26.04
CA PHE C 239 3.61 -5.76 27.36
C PHE C 239 3.61 -7.28 27.27
N PHE C 240 3.89 -7.93 28.39
CA PHE C 240 3.51 -9.32 28.55
C PHE C 240 1.99 -9.39 28.67
N PRO C 241 1.38 -10.50 28.27
CA PRO C 241 -0.08 -10.63 28.42
C PRO C 241 -0.56 -10.63 29.86
N ASN C 242 0.27 -10.93 30.86
CA ASN C 242 -0.20 -10.84 32.24
C ASN C 242 -0.08 -9.43 32.80
N GLY C 243 0.54 -8.53 32.06
CA GLY C 243 0.71 -7.17 32.48
C GLY C 243 1.87 -6.92 33.42
N ASN C 244 2.63 -7.96 33.78
CA ASN C 244 3.70 -7.82 34.75
C ASN C 244 5.09 -7.71 34.13
N ALA C 245 5.21 -7.74 32.81
CA ALA C 245 6.51 -7.65 32.17
C ALA C 245 6.33 -7.03 30.81
N PHE C 246 7.45 -6.60 30.21
CA PHE C 246 7.35 -6.04 28.88
C PHE C 246 8.67 -6.18 28.14
N ALA C 247 8.56 -6.40 26.85
CA ALA C 247 9.74 -6.46 26.02
C ALA C 247 10.03 -5.10 25.47
N THR C 248 11.18 -4.98 24.80
CA THR C 248 11.63 -3.69 24.31
C THR C 248 12.63 -3.91 23.20
N GLY C 249 12.35 -3.36 22.03
CA GLY C 249 13.30 -3.39 20.95
C GLY C 249 13.95 -2.03 20.75
N SER C 250 15.19 -2.06 20.29
CA SER C 250 15.94 -0.81 20.08
C SER C 250 16.76 -0.92 18.81
N ASP C 251 17.50 0.13 18.50
CA ASP C 251 18.26 0.12 17.25
C ASP C 251 19.71 -0.28 17.44
N ASP C 252 20.02 -1.09 18.45
CA ASP C 252 21.30 -1.78 18.54
C ASP C 252 21.11 -3.27 18.34
N ALA C 253 20.09 -3.62 17.57
CA ALA C 253 19.74 -4.96 17.08
C ALA C 253 19.28 -5.92 18.17
N THR C 254 19.27 -5.51 19.44
CA THR C 254 18.86 -6.38 20.52
C THR C 254 17.43 -6.06 20.91
N CYS C 255 16.80 -6.98 21.64
CA CYS C 255 15.53 -6.71 22.28
C CYS C 255 15.54 -7.37 23.63
N ARG C 256 15.28 -6.60 24.68
CA ARG C 256 15.40 -7.10 26.02
C ARG C 256 14.02 -7.26 26.64
N LEU C 257 13.97 -7.93 27.79
CA LEU C 257 12.73 -8.13 28.50
C LEU C 257 12.88 -7.69 29.94
N PHE C 258 12.01 -6.80 30.37
CA PHE C 258 12.09 -6.23 31.70
C PHE C 258 10.88 -6.69 32.50
N ASP C 259 11.06 -6.80 33.80
CA ASP C 259 9.97 -7.12 34.70
C ASP C 259 9.55 -5.87 35.45
N LEU C 260 8.28 -5.83 35.86
CA LEU C 260 7.81 -4.69 36.63
C LEU C 260 8.16 -4.83 38.10
N ARG C 261 7.94 -6.00 38.68
CA ARG C 261 8.21 -6.18 40.09
C ARG C 261 9.69 -6.32 40.39
N ALA C 262 10.46 -6.94 39.51
CA ALA C 262 11.88 -7.10 39.75
C ALA C 262 12.67 -5.85 39.39
N ASP C 263 12.06 -4.89 38.68
CA ASP C 263 12.62 -3.56 38.39
C ASP C 263 13.93 -3.62 37.60
N GLN C 264 14.13 -4.62 36.76
CA GLN C 264 15.40 -4.76 36.07
C GLN C 264 15.22 -5.60 34.82
N GLU C 265 16.27 -5.63 34.00
CA GLU C 265 16.32 -6.49 32.83
C GLU C 265 16.29 -7.95 33.25
N LEU C 266 15.77 -8.78 32.39
CA LEU C 266 15.80 -10.20 32.68
C LEU C 266 16.50 -11.01 31.61
N MET C 267 16.29 -10.71 30.34
CA MET C 267 16.85 -11.53 29.29
C MET C 267 16.97 -10.70 28.02
N THR C 268 18.10 -10.80 27.34
CA THR C 268 18.34 -10.08 26.11
C THR C 268 18.40 -11.05 24.93
N TYR C 269 17.41 -10.95 24.05
CA TYR C 269 17.40 -11.67 22.79
C TYR C 269 18.21 -10.85 21.80
N SER C 270 19.32 -11.42 21.35
CA SER C 270 20.21 -10.76 20.42
C SER C 270 21.11 -11.81 19.80
N HIS C 271 21.00 -12.01 18.49
CA HIS C 271 21.82 -12.97 17.80
C HIS C 271 22.96 -12.25 17.10
N ASP C 272 24.08 -12.98 16.92
CA ASP C 272 25.28 -12.38 16.38
C ASP C 272 25.17 -12.09 14.89
N ASN C 273 24.25 -12.74 14.19
CA ASN C 273 24.03 -12.50 12.77
C ASN C 273 23.34 -11.19 12.50
N ILE C 274 22.80 -10.53 13.52
CA ILE C 274 21.89 -9.39 13.35
C ILE C 274 22.68 -8.13 13.67
N ILE C 275 22.56 -7.12 12.81
CA ILE C 275 23.25 -5.85 13.00
C ILE C 275 22.32 -4.65 12.99
N CYS C 276 21.08 -4.81 12.54
CA CYS C 276 20.16 -3.69 12.41
C CYS C 276 19.04 -3.80 13.44
N GLY C 277 18.43 -2.65 13.74
CA GLY C 277 17.59 -2.57 14.91
C GLY C 277 16.17 -3.03 14.71
N ILE C 278 15.38 -2.85 15.76
CA ILE C 278 13.99 -3.26 15.76
C ILE C 278 13.13 -2.12 15.26
N THR C 279 11.96 -2.45 14.71
CA THR C 279 10.92 -1.48 14.50
C THR C 279 9.60 -1.86 15.14
N SER C 280 9.48 -3.05 15.71
CA SER C 280 8.22 -3.55 16.21
C SER C 280 8.44 -4.75 17.10
N VAL C 281 7.86 -4.75 18.29
CA VAL C 281 7.88 -5.91 19.17
C VAL C 281 6.45 -6.25 19.54
N SER C 282 6.13 -7.53 19.50
CA SER C 282 4.87 -7.97 20.07
C SER C 282 5.06 -9.34 20.69
N PHE C 283 4.00 -9.82 21.31
CA PHE C 283 4.01 -11.13 21.94
C PHE C 283 3.03 -12.05 21.24
N SER C 284 2.91 -13.26 21.73
CA SER C 284 1.83 -14.13 21.32
C SER C 284 0.70 -13.98 22.32
N LYS C 285 -0.28 -14.88 22.26
CA LYS C 285 -1.39 -14.83 23.21
C LYS C 285 -0.95 -15.34 24.58
N SER C 286 -0.33 -16.53 24.61
CA SER C 286 0.18 -17.08 25.86
C SER C 286 1.46 -16.41 26.31
N GLY C 287 2.14 -15.68 25.43
CA GLY C 287 3.37 -15.03 25.78
C GLY C 287 4.60 -15.88 25.64
N ARG C 288 4.47 -17.12 25.16
CA ARG C 288 5.64 -17.96 25.01
C ARG C 288 6.52 -17.48 23.85
N LEU C 289 5.90 -16.95 22.82
CA LEU C 289 6.64 -16.43 21.68
C LEU C 289 6.88 -14.95 21.85
N LEU C 290 7.66 -14.41 20.92
CA LEU C 290 7.91 -12.99 20.80
C LEU C 290 8.13 -12.73 19.32
N LEU C 291 7.70 -11.59 18.84
CA LEU C 291 7.75 -11.28 17.43
C LEU C 291 8.49 -9.97 17.27
N ALA C 292 9.53 -9.96 16.45
CA ALA C 292 10.30 -8.75 16.32
C ALA C 292 10.54 -8.43 14.86
N GLY C 293 10.26 -7.19 14.49
CA GLY C 293 10.56 -6.69 13.16
C GLY C 293 12.01 -6.25 13.11
N TYR C 294 12.49 -5.99 11.89
CA TYR C 294 13.89 -5.63 11.71
C TYR C 294 14.02 -4.68 10.53
N ASP C 295 15.24 -4.22 10.30
CA ASP C 295 15.52 -3.37 9.15
C ASP C 295 16.12 -4.12 7.98
N ASP C 296 16.60 -5.36 8.18
CA ASP C 296 17.04 -6.19 7.06
C ASP C 296 15.93 -7.07 6.53
N PHE C 297 14.69 -6.57 6.60
CA PHE C 297 13.55 -6.95 5.78
C PHE C 297 12.90 -8.24 6.24
N ASN C 298 13.29 -8.78 7.40
CA ASN C 298 12.68 -9.99 7.89
C ASN C 298 12.23 -9.80 9.32
N CYS C 299 11.37 -10.69 9.78
CA CYS C 299 10.84 -10.65 11.13
C CYS C 299 11.23 -11.94 11.84
N ASN C 300 11.89 -11.80 12.98
CA ASN C 300 12.35 -12.96 13.72
C ASN C 300 11.34 -13.31 14.79
N VAL C 301 10.94 -14.57 14.81
CA VAL C 301 10.23 -15.10 15.96
C VAL C 301 11.25 -15.55 17.01
N TRP C 302 11.00 -15.15 18.24
CA TRP C 302 11.88 -15.49 19.34
C TRP C 302 11.10 -16.29 20.37
N ASP C 303 11.82 -17.11 21.12
CA ASP C 303 11.24 -17.63 22.34
C ASP C 303 11.31 -16.55 23.39
N ALA C 304 10.30 -16.50 24.25
CA ALA C 304 10.39 -15.59 25.36
C ALA C 304 11.20 -16.16 26.51
N LEU C 305 11.41 -17.47 26.53
CA LEU C 305 12.11 -18.11 27.62
C LEU C 305 13.47 -18.64 27.20
N LYS C 306 13.52 -19.48 26.17
CA LYS C 306 14.75 -20.16 25.79
C LYS C 306 15.66 -19.30 24.92
N ALA C 307 15.22 -18.09 24.55
CA ALA C 307 16.04 -17.06 23.90
C ALA C 307 16.65 -17.51 22.58
N ASP C 308 16.01 -18.43 21.88
CA ASP C 308 16.55 -18.96 20.65
C ASP C 308 15.63 -18.60 19.51
N ARG C 309 16.21 -18.40 18.33
CA ARG C 309 15.40 -18.09 17.16
C ARG C 309 14.62 -19.30 16.71
N ALA C 310 13.30 -19.19 16.82
CA ALA C 310 12.41 -20.30 16.49
C ALA C 310 11.80 -20.18 15.11
N GLY C 311 12.33 -19.34 14.26
CA GLY C 311 11.82 -19.21 12.91
C GLY C 311 11.81 -17.75 12.49
N VAL C 312 11.88 -17.54 11.18
CA VAL C 312 11.92 -16.22 10.58
C VAL C 312 10.73 -16.09 9.65
N LEU C 313 10.17 -14.88 9.57
CA LEU C 313 9.08 -14.58 8.66
C LEU C 313 9.56 -13.55 7.66
N ALA C 314 10.22 -14.01 6.60
CA ALA C 314 10.72 -13.09 5.60
C ALA C 314 9.64 -12.89 4.54
N GLY C 315 9.94 -12.14 3.49
CA GLY C 315 8.96 -11.91 2.45
C GLY C 315 8.62 -10.45 2.22
N HIS C 316 9.54 -9.54 2.49
CA HIS C 316 9.29 -8.12 2.30
C HIS C 316 10.47 -7.50 1.57
N ASP C 317 10.17 -6.69 0.56
CA ASP C 317 11.24 -6.01 -0.16
C ASP C 317 11.83 -4.85 0.62
N ASN C 318 11.13 -4.31 1.61
CA ASN C 318 11.65 -3.25 2.44
C ASN C 318 11.34 -3.58 3.90
N ARG C 319 11.85 -2.75 4.81
CA ARG C 319 11.89 -3.07 6.23
C ARG C 319 10.52 -3.07 6.84
N VAL C 320 10.24 -4.06 7.70
CA VAL C 320 8.96 -4.11 8.37
C VAL C 320 8.84 -2.97 9.38
N SER C 321 7.76 -2.22 9.27
CA SER C 321 7.60 -1.06 10.11
C SER C 321 6.44 -1.18 11.08
N CYS C 322 5.61 -2.20 10.97
CA CYS C 322 4.57 -2.40 11.95
C CYS C 322 4.25 -3.87 12.03
N LEU C 323 3.77 -4.28 13.20
CA LEU C 323 3.55 -5.69 13.48
C LEU C 323 2.59 -5.80 14.65
N GLY C 324 1.77 -6.83 14.63
CA GLY C 324 0.87 -7.04 15.73
C GLY C 324 0.05 -8.30 15.57
N VAL C 325 -0.14 -9.00 16.67
CA VAL C 325 -0.97 -10.19 16.66
C VAL C 325 -2.36 -9.77 17.08
N THR C 326 -3.33 -10.63 16.86
CA THR C 326 -4.70 -10.32 17.23
C THR C 326 -4.88 -10.55 18.71
N ASP C 327 -6.11 -10.36 19.20
CA ASP C 327 -6.41 -10.58 20.60
C ASP C 327 -6.93 -11.99 20.85
N ASP C 328 -6.70 -12.90 19.92
CA ASP C 328 -6.94 -14.31 20.19
C ASP C 328 -5.80 -15.17 19.69
N GLY C 329 -4.67 -14.57 19.29
CA GLY C 329 -3.49 -15.33 18.92
C GLY C 329 -3.58 -16.04 17.60
N MET C 330 -4.57 -15.71 16.78
CA MET C 330 -4.81 -16.49 15.58
C MET C 330 -3.85 -16.14 14.46
N ALA C 331 -3.59 -14.86 14.27
CA ALA C 331 -2.79 -14.41 13.14
C ALA C 331 -1.90 -13.27 13.57
N VAL C 332 -0.77 -13.12 12.90
CA VAL C 332 0.12 -11.99 13.14
C VAL C 332 0.23 -11.21 11.84
N ALA C 333 -0.13 -9.94 11.88
CA ALA C 333 -0.04 -9.11 10.71
C ALA C 333 1.24 -8.34 10.78
N THR C 334 1.84 -8.10 9.63
CA THR C 334 3.00 -7.23 9.57
C THR C 334 2.92 -6.37 8.33
N GLY C 335 3.66 -5.27 8.36
CA GLY C 335 3.57 -4.32 7.28
C GLY C 335 4.85 -3.56 7.15
N SER C 336 5.36 -3.53 5.94
CA SER C 336 6.67 -3.00 5.64
C SER C 336 6.54 -1.78 4.78
N TRP C 337 7.67 -1.24 4.35
CA TRP C 337 7.68 -0.07 3.49
C TRP C 337 7.45 -0.40 2.03
N ASP C 338 7.14 -1.65 1.71
CA ASP C 338 6.88 -2.05 0.34
C ASP C 338 5.40 -1.98 0.01
N SER C 339 4.59 -1.40 0.88
CA SER C 339 3.15 -1.16 0.79
C SER C 339 2.30 -2.42 0.87
N PHE C 340 2.89 -3.59 1.01
CA PHE C 340 2.10 -4.81 1.20
C PHE C 340 2.05 -5.15 2.67
N LEU C 341 0.95 -5.76 3.07
CA LEU C 341 0.74 -6.00 4.49
C LEU C 341 0.30 -7.45 4.63
N LYS C 342 1.19 -8.27 5.18
CA LYS C 342 1.01 -9.72 5.19
C LYS C 342 0.32 -10.18 6.47
N ILE C 343 -0.30 -11.36 6.38
CA ILE C 343 -0.91 -12.05 7.51
C ILE C 343 -0.27 -13.43 7.62
N TRP C 344 0.05 -13.85 8.84
CA TRP C 344 0.65 -15.16 9.04
C TRP C 344 -0.13 -15.96 10.07
N ASN C 345 -0.22 -17.25 9.82
CA ASN C 345 -0.73 -18.21 10.81
C ASN C 345 0.34 -19.18 11.26
N ALA D 7 17.64 28.45 38.35
CA ALA D 7 16.47 27.59 38.27
C ALA D 7 16.84 26.10 38.11
N SER D 8 18.12 25.78 38.03
CA SER D 8 18.54 24.39 37.88
C SER D 8 18.32 23.58 39.15
N ILE D 9 18.29 24.22 40.31
CA ILE D 9 18.16 23.48 41.57
C ILE D 9 16.75 22.93 41.73
N ALA D 10 15.74 23.57 41.13
CA ALA D 10 14.39 23.01 41.18
C ALA D 10 14.26 21.81 40.25
N GLN D 11 14.94 21.87 39.10
CA GLN D 11 15.06 20.71 38.21
C GLN D 11 15.69 19.53 38.93
N ALA D 12 16.80 19.77 39.63
CA ALA D 12 17.43 18.70 40.39
C ALA D 12 16.57 18.27 41.57
N ARG D 13 15.76 19.19 42.12
CA ARG D 13 14.89 18.86 43.25
C ARG D 13 13.79 17.90 42.84
N LYS D 14 13.10 18.19 41.73
CA LYS D 14 12.08 17.26 41.27
C LYS D 14 12.70 15.97 40.74
N LEU D 15 13.94 16.04 40.24
CA LEU D 15 14.62 14.82 39.81
C LEU D 15 14.93 13.89 40.99
N VAL D 16 15.45 14.44 42.09
CA VAL D 16 15.75 13.59 43.23
C VAL D 16 14.48 13.21 43.97
N GLU D 17 13.41 14.02 43.81
CA GLU D 17 12.09 13.62 44.27
C GLU D 17 11.64 12.35 43.58
N GLN D 18 11.78 12.30 42.25
CA GLN D 18 11.46 11.09 41.49
C GLN D 18 12.36 9.94 41.89
N LEU D 19 13.63 10.22 42.18
CA LEU D 19 14.56 9.16 42.54
C LEU D 19 14.23 8.52 43.88
N LYS D 20 13.94 9.34 44.90
CA LYS D 20 13.58 8.73 46.18
C LYS D 20 12.14 8.26 46.20
N MET D 21 11.33 8.67 45.21
CA MET D 21 10.00 8.09 45.10
C MET D 21 10.04 6.75 44.40
N GLU D 22 11.06 6.51 43.57
CA GLU D 22 11.23 5.17 43.01
C GLU D 22 12.19 4.32 43.83
N ALA D 23 12.76 4.86 44.90
CA ALA D 23 13.62 4.06 45.77
C ALA D 23 12.82 3.12 46.68
N ASN D 24 11.51 3.32 46.81
CA ASN D 24 10.74 2.66 47.85
C ASN D 24 9.82 1.56 47.32
N ILE D 25 10.09 1.00 46.17
CA ILE D 25 9.27 -0.06 45.59
C ILE D 25 9.86 -1.40 45.94
N ASP D 26 8.98 -2.33 46.34
CA ASP D 26 9.38 -3.71 46.62
C ASP D 26 9.93 -4.36 45.36
N ARG D 27 11.03 -5.10 45.51
CA ARG D 27 11.64 -5.86 44.43
C ARG D 27 11.78 -7.30 44.89
N ILE D 28 10.93 -8.17 44.36
CA ILE D 28 10.96 -9.58 44.71
C ILE D 28 12.15 -10.25 44.04
N LYS D 29 12.45 -11.47 44.44
CA LYS D 29 13.51 -12.23 43.80
C LYS D 29 13.10 -12.63 42.38
N VAL D 30 14.09 -12.68 41.49
CA VAL D 30 13.84 -12.95 40.08
C VAL D 30 13.41 -14.40 39.87
N SER D 31 13.67 -15.27 40.85
CA SER D 31 13.18 -16.64 40.81
C SER D 31 11.67 -16.70 40.76
N LYS D 32 10.99 -15.89 41.58
CA LYS D 32 9.53 -15.92 41.57
C LYS D 32 8.97 -15.24 40.33
N ALA D 33 9.68 -14.24 39.80
CA ALA D 33 9.23 -13.57 38.58
C ALA D 33 9.31 -14.49 37.39
N ALA D 34 10.44 -15.17 37.20
CA ALA D 34 10.52 -16.15 36.13
C ALA D 34 9.62 -17.34 36.41
N ALA D 35 9.34 -17.60 37.69
CA ALA D 35 8.48 -18.71 38.06
C ALA D 35 7.05 -18.47 37.61
N ASP D 36 6.48 -17.30 37.92
CA ASP D 36 5.09 -17.13 37.53
C ASP D 36 4.97 -16.69 36.07
N LEU D 37 6.08 -16.23 35.44
CA LEU D 37 6.06 -16.13 33.98
C LEU D 37 5.97 -17.52 33.35
N MET D 38 6.75 -18.47 33.85
CA MET D 38 6.67 -19.84 33.34
C MET D 38 5.33 -20.48 33.63
N ALA D 39 4.75 -20.20 34.81
CA ALA D 39 3.44 -20.74 35.14
C ALA D 39 2.37 -20.15 34.23
N TYR D 40 2.51 -18.87 33.87
CA TYR D 40 1.56 -18.25 32.96
C TYR D 40 1.64 -18.85 31.57
N CYS D 41 2.86 -19.01 31.03
CA CYS D 41 3.00 -19.59 29.70
C CYS D 41 2.55 -21.04 29.67
N GLU D 42 2.78 -21.79 30.76
CA GLU D 42 2.30 -23.16 30.80
C GLU D 42 0.79 -23.25 30.90
N ALA D 43 0.17 -22.38 31.70
CA ALA D 43 -1.28 -22.41 31.84
C ALA D 43 -1.98 -21.89 30.60
N HIS D 44 -1.35 -21.05 29.81
CA HIS D 44 -2.01 -20.46 28.65
C HIS D 44 -1.56 -21.02 27.32
N ALA D 45 -0.57 -21.94 27.30
CA ALA D 45 -0.13 -22.50 26.03
C ALA D 45 -1.11 -23.50 25.44
N LYS D 46 -2.14 -23.89 26.20
CA LYS D 46 -3.17 -24.76 25.65
C LYS D 46 -4.03 -24.04 24.64
N GLU D 47 -4.14 -22.71 24.72
CA GLU D 47 -5.02 -21.93 23.86
C GLU D 47 -4.26 -20.85 23.11
N ASP D 48 -2.99 -21.10 22.80
CA ASP D 48 -2.19 -20.19 22.00
C ASP D 48 -2.09 -20.78 20.60
N PRO D 49 -2.72 -20.14 19.60
CA PRO D 49 -2.76 -20.73 18.27
C PRO D 49 -1.50 -20.53 17.43
N LEU D 50 -0.36 -20.21 18.02
CA LEU D 50 0.81 -19.97 17.20
C LEU D 50 1.86 -21.07 17.36
N LEU D 51 2.19 -21.42 18.61
CA LEU D 51 3.17 -22.49 18.79
C LEU D 51 2.51 -23.86 18.71
N THR D 52 1.24 -23.95 19.10
CA THR D 52 0.49 -25.18 18.92
C THR D 52 -0.48 -24.96 17.76
N PRO D 53 -0.07 -25.24 16.53
CA PRO D 53 -0.78 -24.68 15.36
C PRO D 53 -2.14 -25.33 15.14
N VAL D 54 -3.10 -24.50 14.76
CA VAL D 54 -4.50 -24.89 14.66
C VAL D 54 -4.73 -25.64 13.35
N PRO D 55 -5.42 -26.78 13.37
CA PRO D 55 -5.80 -27.43 12.12
C PRO D 55 -6.76 -26.57 11.32
N ALA D 56 -6.72 -26.72 10.00
CA ALA D 56 -7.40 -25.81 9.10
C ALA D 56 -8.92 -26.00 9.07
N SER D 57 -9.48 -26.82 9.97
CA SER D 57 -10.92 -26.82 10.16
C SER D 57 -11.38 -25.55 10.86
N GLU D 58 -10.51 -24.94 11.67
CA GLU D 58 -10.91 -23.80 12.48
C GLU D 58 -10.02 -22.58 12.30
N ASN D 59 -8.92 -22.70 11.58
CA ASN D 59 -8.14 -21.54 11.17
C ASN D 59 -8.96 -20.73 10.18
N PRO D 60 -9.39 -19.51 10.51
CA PRO D 60 -10.28 -18.78 9.62
C PRO D 60 -9.58 -18.14 8.45
N PHE D 61 -8.27 -18.27 8.35
CA PHE D 61 -7.53 -17.73 7.22
C PHE D 61 -7.19 -18.81 6.21
N ARG D 62 -8.03 -19.84 6.11
CA ARG D 62 -7.87 -20.90 5.12
C ARG D 62 -8.18 -20.39 3.72
N ASP E 1 -30.52 16.45 9.89
CA ASP E 1 -30.75 15.02 9.80
C ASP E 1 -30.52 14.53 8.37
N VAL E 2 -31.02 13.34 8.10
CA VAL E 2 -30.95 12.73 6.78
C VAL E 2 -32.35 12.68 6.22
N GLN E 3 -32.50 12.96 4.93
CA GLN E 3 -33.79 13.20 4.32
C GLN E 3 -33.92 12.40 3.05
N LEU E 4 -35.00 11.65 2.94
CA LEU E 4 -35.38 10.97 1.70
C LEU E 4 -36.76 11.48 1.33
N VAL E 5 -36.80 12.47 0.44
CA VAL E 5 -38.06 13.03 -0.01
C VAL E 5 -38.26 12.60 -1.46
N GLU E 6 -39.29 11.80 -1.68
CA GLU E 6 -39.60 11.29 -3.01
C GLU E 6 -40.93 11.84 -3.49
N SER E 7 -41.10 11.86 -4.80
CA SER E 7 -42.25 12.49 -5.42
C SER E 7 -42.51 11.86 -6.78
N GLY E 8 -43.72 12.07 -7.28
CA GLY E 8 -44.10 11.63 -8.59
C GLY E 8 -45.27 10.67 -8.67
N GLY E 9 -46.20 10.71 -7.71
CA GLY E 9 -47.35 9.84 -7.73
C GLY E 9 -48.60 10.62 -8.08
N GLY E 10 -49.67 9.88 -8.39
CA GLY E 10 -50.92 10.50 -8.72
C GLY E 10 -51.91 9.50 -9.29
N LEU E 11 -53.11 10.00 -9.56
CA LEU E 11 -54.17 9.24 -10.20
C LEU E 11 -53.85 9.13 -11.69
N VAL E 12 -53.12 8.08 -12.07
CA VAL E 12 -52.56 7.96 -13.40
C VAL E 12 -53.19 6.77 -14.11
N GLN E 13 -53.59 6.98 -15.37
CA GLN E 13 -54.18 6.13 -16.39
C GLN E 13 -53.30 4.91 -16.65
N PRO E 14 -53.90 3.74 -16.79
CA PRO E 14 -53.10 2.52 -16.92
C PRO E 14 -52.47 2.41 -18.30
N GLY E 15 -51.52 1.50 -18.41
CA GLY E 15 -50.82 1.28 -19.66
C GLY E 15 -49.77 2.31 -20.01
N GLY E 16 -49.66 3.38 -19.24
CA GLY E 16 -48.75 4.46 -19.59
C GLY E 16 -47.39 4.33 -18.93
N SER E 17 -46.87 5.45 -18.46
CA SER E 17 -45.54 5.51 -17.88
C SER E 17 -45.51 6.65 -16.87
N ARG E 18 -44.71 6.47 -15.82
CA ARG E 18 -44.54 7.50 -14.80
C ARG E 18 -43.08 7.56 -14.39
N LYS E 19 -42.79 8.51 -13.50
CA LYS E 19 -41.44 8.69 -12.99
C LYS E 19 -41.52 9.05 -11.51
N LEU E 20 -40.67 8.40 -10.72
CA LEU E 20 -40.58 8.67 -9.30
C LEU E 20 -39.17 9.16 -9.02
N SER E 21 -39.06 10.20 -8.20
CA SER E 21 -37.78 10.84 -7.92
C SER E 21 -37.57 10.89 -6.42
N CYS E 22 -36.49 10.30 -5.95
CA CYS E 22 -36.09 10.30 -4.55
C CYS E 22 -34.91 11.25 -4.41
N SER E 23 -35.13 12.38 -3.78
CA SER E 23 -34.07 13.33 -3.47
C SER E 23 -33.59 13.05 -2.05
N ALA E 24 -32.29 12.82 -1.90
CA ALA E 24 -31.70 12.49 -0.62
C ALA E 24 -30.75 13.58 -0.19
N SER E 25 -30.89 14.04 1.04
CA SER E 25 -30.14 15.18 1.51
C SER E 25 -29.81 15.00 2.98
N GLY E 26 -28.52 14.98 3.29
CA GLY E 26 -28.11 14.82 4.67
C GLY E 26 -27.02 13.79 4.82
N PHE E 27 -26.68 13.09 3.75
CA PHE E 27 -25.60 12.12 3.82
C PHE E 27 -24.88 12.08 2.47
N ALA E 28 -23.78 11.33 2.43
CA ALA E 28 -23.02 11.11 1.20
C ALA E 28 -23.79 10.09 0.39
N PHE E 29 -24.57 10.57 -0.57
CA PHE E 29 -25.46 9.72 -1.33
C PHE E 29 -24.70 8.83 -2.31
N SER E 30 -23.54 9.29 -2.78
CA SER E 30 -22.85 8.60 -3.86
C SER E 30 -22.18 7.31 -3.42
N SER E 31 -22.11 7.03 -2.13
CA SER E 31 -21.53 5.78 -1.65
C SER E 31 -22.57 4.86 -1.04
N PHE E 32 -23.84 5.03 -1.36
CA PHE E 32 -24.89 4.20 -0.81
C PHE E 32 -25.51 3.30 -1.85
N GLY E 33 -26.12 2.22 -1.39
CA GLY E 33 -26.89 1.33 -2.25
C GLY E 33 -28.36 1.64 -2.03
N MET E 34 -29.11 1.69 -3.11
CA MET E 34 -30.47 2.23 -3.07
C MET E 34 -31.49 1.18 -3.47
N HIS E 35 -32.57 1.10 -2.69
CA HIS E 35 -33.64 0.15 -2.94
C HIS E 35 -34.93 0.89 -3.11
N TRP E 36 -35.81 0.36 -3.95
CA TRP E 36 -37.18 0.81 -4.06
C TRP E 36 -38.07 -0.32 -3.63
N VAL E 37 -38.93 -0.06 -2.65
CA VAL E 37 -39.79 -1.09 -2.08
C VAL E 37 -41.21 -0.58 -2.06
N ARG E 38 -42.13 -1.33 -2.66
CA ARG E 38 -43.53 -0.93 -2.65
C ARG E 38 -44.33 -1.85 -1.74
N GLN E 39 -45.52 -1.38 -1.39
CA GLN E 39 -46.44 -2.22 -0.63
C GLN E 39 -47.86 -1.80 -0.97
N ALA E 40 -48.73 -2.80 -1.00
CA ALA E 40 -50.13 -2.73 -1.39
C ALA E 40 -50.92 -1.89 -0.40
N PRO E 41 -52.12 -1.42 -0.77
CA PRO E 41 -52.97 -0.74 0.21
C PRO E 41 -53.46 -1.61 1.35
N GLU E 42 -53.38 -2.93 1.24
CA GLU E 42 -53.80 -3.80 2.33
C GLU E 42 -52.79 -4.87 2.67
N LYS E 43 -51.82 -5.14 1.81
CA LYS E 43 -50.91 -6.25 2.01
C LYS E 43 -49.55 -5.74 2.45
N GLY E 44 -48.61 -6.67 2.63
CA GLY E 44 -47.30 -6.36 3.14
C GLY E 44 -46.38 -5.81 2.07
N LEU E 45 -45.12 -5.67 2.43
CA LEU E 45 -44.10 -5.13 1.55
C LEU E 45 -43.74 -6.13 0.47
N GLU E 46 -43.02 -5.64 -0.54
CA GLU E 46 -42.35 -6.49 -1.53
C GLU E 46 -41.24 -5.69 -2.16
N TRP E 47 -40.13 -6.35 -2.44
CA TRP E 47 -39.00 -5.65 -3.05
C TRP E 47 -39.30 -5.40 -4.51
N VAL E 48 -38.86 -4.25 -5.02
CA VAL E 48 -39.13 -3.85 -6.39
C VAL E 48 -37.84 -3.65 -7.17
N ALA E 49 -36.93 -2.84 -6.65
CA ALA E 49 -35.74 -2.57 -7.44
C ALA E 49 -34.55 -2.29 -6.54
N TYR E 50 -33.35 -2.45 -7.09
CA TYR E 50 -32.15 -2.13 -6.35
C TYR E 50 -31.05 -1.73 -7.32
N ILE E 51 -30.37 -0.64 -7.02
CA ILE E 51 -29.16 -0.25 -7.75
C ILE E 51 -28.05 -0.07 -6.73
N SER E 52 -26.87 -0.58 -7.05
CA SER E 52 -25.77 -0.56 -6.11
C SER E 52 -25.11 0.81 -6.07
N SER E 53 -24.00 0.89 -5.35
CA SER E 53 -23.20 2.09 -5.32
C SER E 53 -22.44 2.25 -6.63
N GLY E 54 -22.43 3.48 -7.15
CA GLY E 54 -21.77 3.74 -8.40
C GLY E 54 -22.42 3.14 -9.62
N SER E 55 -23.70 2.72 -9.50
CA SER E 55 -24.50 2.12 -10.57
C SER E 55 -23.82 0.88 -11.16
N GLY E 56 -23.21 0.09 -10.30
CA GLY E 56 -22.53 -1.11 -10.74
C GLY E 56 -23.47 -2.21 -11.20
N THR E 57 -24.23 -2.77 -10.28
CA THR E 57 -25.20 -3.81 -10.60
C THR E 57 -26.60 -3.29 -10.35
N ILE E 58 -27.55 -3.84 -11.10
CA ILE E 58 -28.95 -3.43 -11.03
C ILE E 58 -29.78 -4.70 -10.97
N TYR E 59 -30.62 -4.82 -9.95
CA TYR E 59 -31.41 -6.02 -9.75
C TYR E 59 -32.88 -5.64 -9.71
N TYR E 60 -33.72 -6.47 -10.30
CA TYR E 60 -35.16 -6.24 -10.31
C TYR E 60 -35.90 -7.43 -9.73
N ALA E 61 -37.15 -7.20 -9.38
CA ALA E 61 -38.06 -8.26 -9.03
C ALA E 61 -38.62 -8.84 -10.32
N ASP E 62 -38.88 -10.15 -10.32
CA ASP E 62 -39.25 -10.81 -11.56
C ASP E 62 -40.66 -10.42 -12.03
N THR E 63 -41.52 -10.01 -11.09
CA THR E 63 -42.86 -9.58 -11.47
C THR E 63 -42.87 -8.19 -12.10
N VAL E 64 -41.73 -7.49 -12.09
CA VAL E 64 -41.65 -6.12 -12.55
C VAL E 64 -40.62 -5.95 -13.66
N LYS E 65 -39.61 -6.83 -13.73
CA LYS E 65 -38.41 -6.67 -14.55
C LYS E 65 -38.72 -6.52 -16.03
N GLY E 66 -37.93 -5.67 -16.70
CA GLY E 66 -38.22 -5.32 -18.07
C GLY E 66 -39.13 -4.13 -18.20
N ARG E 67 -40.21 -4.09 -17.42
CA ARG E 67 -41.18 -3.01 -17.54
C ARG E 67 -40.62 -1.70 -16.98
N PHE E 68 -39.83 -1.78 -15.92
CA PHE E 68 -39.39 -0.60 -15.20
C PHE E 68 -37.90 -0.36 -15.46
N THR E 69 -37.41 0.78 -15.01
CA THR E 69 -35.98 0.97 -14.91
C THR E 69 -35.68 1.92 -13.76
N ILE E 70 -34.42 1.89 -13.32
CA ILE E 70 -33.99 2.62 -12.13
C ILE E 70 -32.62 3.20 -12.40
N SER E 71 -32.40 4.45 -11.99
CA SER E 71 -31.17 5.15 -12.27
C SER E 71 -30.91 6.14 -11.14
N ARG E 72 -29.75 6.79 -11.18
CA ARG E 72 -29.41 7.74 -10.13
C ARG E 72 -28.54 8.85 -10.71
N ASP E 73 -28.74 10.06 -10.21
CA ASP E 73 -27.94 11.23 -10.55
C ASP E 73 -27.28 11.71 -9.26
N ASP E 74 -26.13 11.12 -8.97
CA ASP E 74 -25.38 11.47 -7.77
C ASP E 74 -24.73 12.86 -7.68
N PRO E 75 -24.40 13.57 -8.77
CA PRO E 75 -24.17 15.02 -8.57
C PRO E 75 -25.44 15.77 -8.19
N LYS E 76 -26.60 15.28 -8.58
CA LYS E 76 -27.85 15.86 -8.13
C LYS E 76 -28.39 15.18 -6.89
N ASN E 77 -27.72 14.11 -6.45
CA ASN E 77 -28.15 13.13 -5.43
C ASN E 77 -29.65 12.83 -5.51
N THR E 78 -30.07 12.30 -6.66
CA THR E 78 -31.43 11.84 -6.82
C THR E 78 -31.45 10.41 -7.36
N LEU E 79 -32.61 9.78 -7.22
CA LEU E 79 -32.84 8.39 -7.60
C LEU E 79 -34.13 8.33 -8.41
N PHE E 80 -34.05 7.81 -9.63
CA PHE E 80 -35.19 7.82 -10.55
C PHE E 80 -35.70 6.41 -10.74
N LEU E 81 -37.00 6.24 -10.67
CA LEU E 81 -37.69 5.03 -11.08
C LEU E 81 -38.60 5.41 -12.23
N GLN E 82 -38.19 5.05 -13.44
CA GLN E 82 -38.99 5.33 -14.64
C GLN E 82 -39.76 4.06 -14.96
N MET E 83 -41.07 4.10 -14.74
CA MET E 83 -41.91 2.92 -14.85
C MET E 83 -42.74 2.99 -16.13
N THR E 84 -42.72 1.89 -16.90
CA THR E 84 -43.45 1.84 -18.16
C THR E 84 -44.48 0.71 -18.10
N SER E 85 -45.55 0.90 -18.88
CA SER E 85 -46.63 -0.07 -19.07
C SER E 85 -47.28 -0.46 -17.73
N LEU E 86 -47.90 0.53 -17.11
CA LEU E 86 -48.40 0.39 -15.75
C LEU E 86 -49.70 -0.40 -15.77
N ARG E 87 -49.68 -1.57 -15.13
CA ARG E 87 -50.89 -2.36 -14.98
C ARG E 87 -51.69 -1.86 -13.78
N SER E 88 -52.71 -2.61 -13.39
CA SER E 88 -53.49 -2.26 -12.22
C SER E 88 -52.99 -2.97 -10.97
N GLU E 89 -51.94 -3.78 -11.08
CA GLU E 89 -51.32 -4.39 -9.92
C GLU E 89 -50.13 -3.59 -9.40
N ASP E 90 -50.00 -2.35 -9.84
CA ASP E 90 -48.94 -1.47 -9.37
C ASP E 90 -49.46 -0.36 -8.47
N THR E 91 -50.73 -0.40 -8.10
CA THR E 91 -51.27 0.58 -7.17
C THR E 91 -50.70 0.33 -5.78
N ALA E 92 -49.70 1.10 -5.40
CA ALA E 92 -48.96 0.79 -4.18
C ALA E 92 -48.28 2.06 -3.69
N MET E 93 -47.84 2.03 -2.44
CA MET E 93 -46.99 3.10 -1.92
C MET E 93 -45.55 2.64 -2.03
N TYR E 94 -44.68 3.55 -2.45
CA TYR E 94 -43.32 3.24 -2.83
C TYR E 94 -42.37 4.01 -1.92
N TYR E 95 -41.30 3.33 -1.49
CA TYR E 95 -40.36 3.85 -0.54
C TYR E 95 -38.96 3.75 -1.12
N CYS E 96 -38.15 4.75 -0.79
CA CYS E 96 -36.76 4.87 -1.19
C CYS E 96 -35.92 4.53 0.03
N VAL E 97 -35.06 3.52 -0.08
CA VAL E 97 -34.36 2.95 1.07
C VAL E 97 -32.85 3.01 0.81
N ARG E 98 -32.08 3.34 1.84
CA ARG E 98 -30.62 3.37 1.75
C ARG E 98 -30.04 2.20 2.51
N SER E 99 -29.14 1.45 1.88
CA SER E 99 -28.71 0.17 2.41
C SER E 99 -27.21 -0.08 2.21
N ILE E 100 -26.36 0.82 2.70
CA ILE E 100 -24.89 0.66 2.62
C ILE E 100 -24.39 -0.70 3.12
N TYR E 101 -23.53 -1.34 2.31
CA TYR E 101 -23.01 -2.69 2.57
C TYR E 101 -21.51 -2.64 2.76
N TYR E 102 -21.05 -3.05 3.94
CA TYR E 102 -19.68 -3.49 4.14
C TYR E 102 -19.71 -4.49 5.28
N TYR E 103 -18.56 -4.79 5.87
CA TYR E 103 -18.56 -5.72 6.99
C TYR E 103 -19.07 -5.02 8.23
N GLY E 104 -20.18 -5.50 8.76
CA GLY E 104 -20.73 -4.95 9.98
C GLY E 104 -21.66 -3.78 9.80
N SER E 105 -22.04 -3.45 8.57
CA SER E 105 -22.93 -2.33 8.34
C SER E 105 -24.35 -2.70 8.70
N SER E 106 -25.23 -1.69 8.69
CA SER E 106 -26.65 -1.90 8.92
C SER E 106 -27.43 -1.50 7.68
N PRO E 107 -27.73 -2.44 6.79
CA PRO E 107 -28.55 -2.12 5.62
C PRO E 107 -29.97 -1.78 6.02
N PHE E 108 -30.66 -1.08 5.12
CA PHE E 108 -32.07 -0.70 5.24
C PHE E 108 -32.33 0.15 6.49
N ASP E 109 -31.34 0.93 6.90
CA ASP E 109 -31.41 1.58 8.21
C ASP E 109 -32.36 2.77 8.21
N PHE E 110 -32.64 3.34 7.04
CA PHE E 110 -33.40 4.56 6.96
C PHE E 110 -34.28 4.52 5.72
N TRP E 111 -35.52 4.94 5.87
CA TRP E 111 -36.54 4.75 4.86
C TRP E 111 -37.21 6.07 4.51
N GLY E 112 -37.60 6.21 3.25
CA GLY E 112 -38.37 7.36 2.83
C GLY E 112 -39.80 7.29 3.35
N GLN E 113 -40.60 8.27 2.94
CA GLN E 113 -41.96 8.36 3.46
C GLN E 113 -43.01 7.85 2.49
N GLY E 114 -42.62 7.43 1.29
CA GLY E 114 -43.55 6.76 0.40
C GLY E 114 -44.44 7.69 -0.41
N THR E 115 -44.55 7.41 -1.69
CA THR E 115 -45.51 8.08 -2.56
C THR E 115 -46.47 7.05 -3.10
N THR E 116 -47.67 7.50 -3.43
CA THR E 116 -48.74 6.59 -3.81
C THR E 116 -48.94 6.57 -5.32
N LEU E 117 -49.01 5.38 -5.88
CA LEU E 117 -49.37 5.17 -7.28
C LEU E 117 -50.68 4.41 -7.30
N THR E 118 -51.78 5.14 -7.40
CA THR E 118 -53.12 4.56 -7.46
C THR E 118 -53.61 4.70 -8.89
N VAL E 119 -53.52 3.62 -9.65
CA VAL E 119 -53.94 3.60 -11.05
C VAL E 119 -55.37 3.10 -11.10
N SER E 120 -56.06 3.40 -12.20
CA SER E 120 -57.40 2.87 -12.37
C SER E 120 -57.33 1.42 -12.86
N SER E 121 -58.49 0.79 -12.97
CA SER E 121 -58.52 -0.63 -13.32
C SER E 121 -58.24 -0.83 -14.81
N GLY E 122 -57.00 -1.21 -15.13
CA GLY E 122 -56.61 -1.42 -16.51
C GLY E 122 -55.20 -1.95 -16.63
N GLY E 135 -39.13 -19.48 -10.52
CA GLY E 135 -40.15 -19.34 -9.51
C GLY E 135 -39.76 -19.97 -8.18
N SER E 136 -38.47 -20.21 -8.01
CA SER E 136 -37.93 -20.86 -6.82
C SER E 136 -37.35 -19.85 -5.82
N ASP E 137 -38.01 -18.70 -5.67
CA ASP E 137 -37.60 -17.71 -4.69
C ASP E 137 -37.80 -18.25 -3.28
N ILE E 138 -37.08 -17.66 -2.34
CA ILE E 138 -37.09 -18.17 -0.96
C ILE E 138 -38.31 -17.58 -0.26
N VAL E 139 -39.46 -18.25 -0.42
CA VAL E 139 -40.71 -17.74 0.12
C VAL E 139 -40.65 -17.82 1.65
N MET E 140 -41.24 -16.82 2.29
CA MET E 140 -41.08 -16.62 3.72
C MET E 140 -42.44 -16.30 4.33
N THR E 141 -42.85 -17.12 5.29
CA THR E 141 -44.16 -16.97 5.89
C THR E 141 -44.02 -16.52 7.34
N GLN E 142 -44.81 -15.53 7.71
CA GLN E 142 -45.11 -15.27 9.10
C GLN E 142 -46.43 -15.96 9.40
N ALA E 143 -46.36 -17.08 10.13
CA ALA E 143 -47.55 -17.89 10.39
C ALA E 143 -48.56 -17.19 11.28
N THR E 144 -48.15 -16.15 12.00
CA THR E 144 -49.02 -15.41 12.89
C THR E 144 -49.77 -14.35 12.08
N SER E 145 -51.07 -14.24 12.32
CA SER E 145 -51.83 -13.16 11.70
C SER E 145 -51.70 -11.86 12.48
N SER E 146 -52.22 -11.85 13.71
CA SER E 146 -52.22 -10.67 14.57
C SER E 146 -52.58 -11.08 15.99
N VAL E 147 -51.85 -10.54 16.95
CA VAL E 147 -52.11 -10.85 18.36
C VAL E 147 -52.47 -9.58 19.13
N PRO E 148 -53.32 -9.68 20.15
CA PRO E 148 -53.59 -8.51 21.01
C PRO E 148 -52.52 -8.36 22.09
N VAL E 149 -52.04 -7.13 22.26
CA VAL E 149 -50.99 -6.83 23.22
C VAL E 149 -51.52 -5.88 24.28
N THR E 150 -50.74 -5.68 25.34
CA THR E 150 -51.05 -4.72 26.39
C THR E 150 -49.72 -4.25 26.97
N PRO E 151 -49.64 -3.03 27.50
CA PRO E 151 -48.39 -2.59 28.12
C PRO E 151 -48.06 -3.36 29.38
N GLY E 152 -46.76 -3.46 29.65
CA GLY E 152 -46.29 -4.19 30.81
C GLY E 152 -45.96 -5.63 30.51
N GLU E 153 -46.43 -6.12 29.37
CA GLU E 153 -46.25 -7.51 29.00
C GLU E 153 -45.03 -7.67 28.09
N SER E 154 -44.56 -8.90 27.98
CA SER E 154 -43.55 -9.28 27.00
C SER E 154 -44.14 -10.32 26.05
N VAL E 155 -43.70 -10.27 24.79
CA VAL E 155 -44.35 -11.04 23.73
C VAL E 155 -43.32 -11.36 22.66
N SER E 156 -43.41 -12.56 22.09
CA SER E 156 -42.49 -12.99 21.06
C SER E 156 -43.27 -13.44 19.84
N ILE E 157 -42.80 -13.02 18.67
CA ILE E 157 -43.39 -13.42 17.40
C ILE E 157 -42.40 -14.27 16.62
N SER E 158 -42.85 -14.91 15.56
CA SER E 158 -42.00 -15.85 14.83
C SER E 158 -42.08 -15.60 13.34
N CYS E 159 -41.11 -16.19 12.63
CA CYS E 159 -41.00 -16.06 11.19
C CYS E 159 -40.23 -17.26 10.67
N ARG E 160 -40.85 -18.05 9.80
CA ARG E 160 -40.26 -19.27 9.31
C ARG E 160 -39.97 -19.15 7.83
N SER E 161 -38.71 -19.35 7.46
CA SER E 161 -38.31 -19.36 6.06
C SER E 161 -38.63 -20.70 5.44
N SER E 162 -38.24 -20.85 4.17
CA SER E 162 -38.30 -22.15 3.52
C SER E 162 -36.93 -22.78 3.42
N LYS E 163 -35.96 -22.07 2.85
CA LYS E 163 -34.58 -22.49 2.81
C LYS E 163 -33.88 -22.02 4.10
N SER E 164 -32.87 -22.78 4.50
CA SER E 164 -32.07 -22.36 5.64
C SER E 164 -31.24 -21.15 5.28
N LEU E 165 -31.16 -20.21 6.22
CA LEU E 165 -30.56 -18.92 5.95
C LEU E 165 -29.14 -18.80 6.45
N LEU E 166 -28.69 -19.69 7.33
CA LEU E 166 -27.36 -19.55 7.90
C LEU E 166 -26.34 -19.95 6.85
N HIS E 167 -25.94 -18.98 6.04
CA HIS E 167 -24.94 -19.14 5.00
C HIS E 167 -23.59 -19.54 5.61
N SER E 168 -22.75 -20.18 4.80
CA SER E 168 -21.46 -20.75 5.17
C SER E 168 -20.49 -19.76 5.79
N ASN E 169 -20.66 -18.46 5.58
CA ASN E 169 -19.75 -17.48 6.15
C ASN E 169 -19.97 -17.28 7.64
N GLY E 170 -21.05 -17.84 8.20
CA GLY E 170 -21.33 -17.73 9.61
C GLY E 170 -22.44 -16.77 9.94
N ASN E 171 -22.93 -16.00 8.98
CA ASN E 171 -24.00 -15.05 9.20
C ASN E 171 -25.34 -15.76 9.12
N THR E 172 -26.41 -14.98 9.26
CA THR E 172 -27.78 -15.45 9.08
C THR E 172 -28.65 -14.26 8.68
N TYR E 173 -28.93 -14.16 7.39
CA TYR E 173 -29.31 -12.88 6.77
C TYR E 173 -30.82 -12.66 6.92
N LEU E 174 -31.24 -12.35 8.13
CA LEU E 174 -32.65 -12.10 8.41
C LEU E 174 -32.80 -10.71 9.01
N TYR E 175 -33.80 -9.97 8.56
CA TYR E 175 -34.01 -8.61 9.03
C TYR E 175 -35.43 -8.49 9.56
N TRP E 176 -35.57 -7.76 10.67
CA TRP E 176 -36.86 -7.49 11.30
C TRP E 176 -37.10 -5.99 11.25
N PHE E 177 -38.18 -5.60 10.58
CA PHE E 177 -38.64 -4.22 10.49
C PHE E 177 -39.93 -4.04 11.28
N LEU E 178 -40.16 -2.83 11.76
CA LEU E 178 -41.42 -2.42 12.33
C LEU E 178 -41.92 -1.21 11.57
N GLN E 179 -43.16 -1.27 11.10
CA GLN E 179 -43.82 -0.11 10.54
C GLN E 179 -44.90 0.34 11.53
N ARG E 180 -44.78 1.58 11.97
CA ARG E 180 -45.77 2.20 12.82
C ARG E 180 -46.99 2.58 11.98
N PRO E 181 -48.18 2.63 12.58
CA PRO E 181 -49.38 3.00 11.83
C PRO E 181 -49.31 4.44 11.34
N GLY E 182 -49.48 4.62 10.04
CA GLY E 182 -49.36 5.92 9.44
C GLY E 182 -47.94 6.42 9.30
N GLN E 183 -46.95 5.57 9.49
CA GLN E 183 -45.55 5.96 9.38
C GLN E 183 -44.84 5.05 8.40
N SER E 184 -43.59 5.23 8.32
CA SER E 184 -42.59 4.57 7.52
C SER E 184 -41.95 3.43 8.32
N PRO E 185 -41.53 2.36 7.67
CA PRO E 185 -40.93 1.24 8.40
C PRO E 185 -39.55 1.53 8.96
N GLN E 186 -39.41 1.39 10.28
CA GLN E 186 -38.12 1.44 10.93
C GLN E 186 -37.42 0.10 10.79
N LEU E 187 -36.15 0.07 11.18
CA LEU E 187 -35.38 -1.18 11.20
C LEU E 187 -35.10 -1.55 12.65
N LEU E 188 -35.49 -2.76 13.03
CA LEU E 188 -35.30 -3.22 14.40
C LEU E 188 -34.09 -4.12 14.55
N ILE E 189 -34.07 -5.24 13.83
CA ILE E 189 -33.03 -6.25 14.02
C ILE E 189 -32.41 -6.53 12.66
N TYR E 190 -31.10 -6.41 12.57
CA TYR E 190 -30.41 -6.73 11.34
C TYR E 190 -29.50 -7.93 11.58
N ARG E 191 -29.54 -8.90 10.66
CA ARG E 191 -28.85 -10.18 10.68
C ARG E 191 -29.16 -11.01 11.91
N MET E 192 -30.42 -11.10 12.31
CA MET E 192 -31.08 -12.06 13.19
C MET E 192 -30.75 -11.88 14.68
N SER E 193 -29.66 -11.19 15.04
CA SER E 193 -29.42 -10.92 16.44
C SER E 193 -28.83 -9.55 16.73
N ASN E 194 -28.30 -8.87 15.73
CA ASN E 194 -27.65 -7.58 15.95
C ASN E 194 -28.72 -6.51 15.99
N LEU E 195 -28.72 -5.73 17.06
CA LEU E 195 -29.71 -4.70 17.27
C LEU E 195 -29.34 -3.45 16.50
N ALA E 196 -30.36 -2.75 15.98
CA ALA E 196 -30.11 -1.56 15.18
C ALA E 196 -29.61 -0.41 16.04
N SER E 197 -29.29 0.71 15.38
CA SER E 197 -28.70 1.85 16.07
C SER E 197 -29.75 2.92 16.28
N GLY E 198 -30.19 3.09 17.51
CA GLY E 198 -31.16 4.11 17.82
C GLY E 198 -32.46 3.52 18.35
N VAL E 199 -32.68 2.25 18.05
CA VAL E 199 -33.81 1.51 18.57
C VAL E 199 -33.59 1.29 20.07
N PRO E 200 -34.62 1.38 20.91
CA PRO E 200 -34.45 1.03 22.33
C PRO E 200 -34.09 -0.43 22.53
N ASP E 201 -33.49 -0.72 23.69
CA ASP E 201 -32.85 -2.00 23.92
C ASP E 201 -33.84 -3.11 24.26
N ARG E 202 -35.13 -2.80 24.39
CA ARG E 202 -36.11 -3.78 24.86
C ARG E 202 -36.43 -4.85 23.84
N PHE E 203 -36.00 -4.69 22.58
CA PHE E 203 -36.19 -5.70 21.56
C PHE E 203 -35.01 -6.65 21.55
N SER E 204 -35.27 -7.90 21.17
CA SER E 204 -34.19 -8.82 20.86
C SER E 204 -34.71 -9.84 19.87
N GLY E 205 -33.81 -10.45 19.13
CA GLY E 205 -34.20 -11.44 18.16
C GLY E 205 -33.19 -12.56 18.12
N SER E 206 -33.68 -13.76 17.82
CA SER E 206 -32.81 -14.91 17.62
C SER E 206 -33.53 -15.91 16.74
N GLY E 207 -33.01 -17.11 16.66
CA GLY E 207 -33.59 -18.14 15.85
C GLY E 207 -32.52 -19.07 15.34
N SER E 208 -32.93 -19.99 14.47
CA SER E 208 -32.04 -21.04 14.01
C SER E 208 -32.44 -21.43 12.61
N GLY E 209 -31.56 -21.18 11.64
CA GLY E 209 -31.61 -21.82 10.34
C GLY E 209 -32.78 -21.40 9.47
N THR E 210 -33.97 -21.84 9.88
CA THR E 210 -35.19 -21.58 9.14
C THR E 210 -36.22 -20.85 10.00
N ALA E 211 -36.26 -21.15 11.29
CA ALA E 211 -37.30 -20.63 12.16
C ALA E 211 -36.71 -19.61 13.12
N PHE E 212 -37.28 -18.41 13.14
CA PHE E 212 -36.72 -17.32 13.92
C PHE E 212 -37.81 -16.68 14.76
N THR E 213 -37.39 -15.93 15.77
CA THR E 213 -38.31 -15.31 16.71
C THR E 213 -37.77 -13.96 17.16
N LEU E 214 -38.69 -13.08 17.53
CA LEU E 214 -38.39 -11.74 18.00
C LEU E 214 -39.12 -11.54 19.32
N THR E 215 -38.37 -11.36 20.39
CA THR E 215 -38.90 -11.15 21.72
C THR E 215 -38.81 -9.67 22.07
N ILE E 216 -39.95 -9.01 22.15
CA ILE E 216 -40.01 -7.67 22.71
C ILE E 216 -40.44 -7.79 24.16
N SER E 217 -39.60 -7.31 25.07
CA SER E 217 -39.85 -7.33 26.49
C SER E 217 -40.32 -5.97 26.96
N ARG E 218 -41.29 -5.97 27.88
CA ARG E 218 -41.86 -4.78 28.53
C ARG E 218 -42.40 -3.81 27.48
N LEU E 219 -43.45 -4.26 26.80
CA LEU E 219 -44.04 -3.54 25.70
C LEU E 219 -44.65 -2.23 26.16
N GLU E 220 -44.61 -1.22 25.29
CA GLU E 220 -45.20 0.08 25.56
C GLU E 220 -46.07 0.48 24.38
N ALA E 221 -46.72 1.64 24.49
CA ALA E 221 -47.70 2.04 23.49
C ALA E 221 -47.05 2.55 22.22
N GLU E 222 -45.75 2.85 22.26
CA GLU E 222 -45.06 3.27 21.04
C GLU E 222 -44.71 2.06 20.18
N ASP E 223 -44.57 0.90 20.79
CA ASP E 223 -44.06 -0.26 20.08
C ASP E 223 -45.16 -1.11 19.46
N VAL E 224 -46.31 -0.53 19.14
CA VAL E 224 -47.40 -1.25 18.49
C VAL E 224 -47.37 -0.92 17.00
N GLY E 225 -47.65 -1.90 16.17
CA GLY E 225 -47.54 -1.73 14.73
C GLY E 225 -47.48 -3.06 14.03
N VAL E 226 -46.90 -3.06 12.83
CA VAL E 226 -46.76 -4.27 12.04
C VAL E 226 -45.28 -4.63 11.91
N TYR E 227 -44.99 -5.93 11.83
CA TYR E 227 -43.63 -6.42 11.96
C TYR E 227 -43.29 -7.37 10.84
N TYR E 228 -42.33 -6.98 10.02
CA TYR E 228 -42.00 -7.76 8.83
C TYR E 228 -40.63 -8.38 8.98
N CYS E 229 -40.51 -9.66 8.66
CA CYS E 229 -39.21 -10.27 8.48
C CYS E 229 -38.86 -10.22 7.00
N MET E 230 -37.57 -10.29 6.69
CA MET E 230 -37.13 -10.19 5.31
C MET E 230 -35.80 -10.90 5.18
N GLN E 231 -35.70 -11.84 4.24
CA GLN E 231 -34.41 -12.44 4.00
C GLN E 231 -33.54 -11.51 3.17
N HIS E 232 -32.24 -11.77 3.20
CA HIS E 232 -31.32 -11.03 2.35
C HIS E 232 -30.24 -11.95 1.81
N LEU E 233 -30.54 -13.24 1.69
CA LEU E 233 -29.52 -14.18 1.27
C LEU E 233 -29.27 -14.08 -0.23
N GLU E 234 -30.32 -13.93 -1.02
CA GLU E 234 -30.15 -13.80 -2.46
C GLU E 234 -31.24 -12.89 -2.99
N TYR E 235 -31.01 -12.40 -4.16
CA TYR E 235 -32.09 -11.67 -4.79
C TYR E 235 -33.00 -12.65 -5.52
N PRO E 236 -34.33 -12.49 -5.40
CA PRO E 236 -35.05 -11.41 -4.75
C PRO E 236 -35.23 -11.56 -3.25
N LEU E 237 -35.50 -10.42 -2.62
CA LEU E 237 -35.77 -10.33 -1.21
C LEU E 237 -37.26 -10.29 -1.03
N THR E 238 -37.83 -11.27 -0.34
CA THR E 238 -39.26 -11.20 -0.13
C THR E 238 -39.57 -11.12 1.36
N PHE E 239 -40.62 -10.37 1.66
CA PHE E 239 -40.98 -10.01 3.02
C PHE E 239 -42.05 -10.96 3.50
N GLY E 240 -42.24 -11.03 4.80
CA GLY E 240 -43.34 -11.77 5.36
C GLY E 240 -44.63 -11.02 5.18
N ALA E 241 -45.71 -11.69 5.60
CA ALA E 241 -47.01 -11.03 5.57
C ALA E 241 -47.09 -9.90 6.59
N GLY E 242 -46.37 -10.05 7.70
CA GLY E 242 -46.34 -9.01 8.70
C GLY E 242 -47.42 -9.19 9.73
N THR E 243 -47.06 -9.44 10.97
CA THR E 243 -48.05 -9.60 12.03
C THR E 243 -48.35 -8.23 12.63
N LYS E 244 -49.63 -7.94 12.78
CA LYS E 244 -50.04 -6.70 13.39
C LYS E 244 -50.14 -6.88 14.90
N LEU E 245 -49.78 -5.84 15.63
CA LEU E 245 -50.09 -5.76 17.04
C LEU E 245 -51.18 -4.71 17.21
N GLU E 246 -51.96 -4.84 18.28
CA GLU E 246 -52.99 -3.87 18.60
C GLU E 246 -53.17 -3.83 20.10
N LEU E 247 -53.41 -2.63 20.63
CA LEU E 247 -53.43 -2.44 22.07
C LEU E 247 -54.73 -2.98 22.67
N LYS E 248 -54.61 -3.49 23.90
CA LYS E 248 -55.71 -4.02 24.72
C LYS E 248 -56.50 -5.14 24.02
C01 IXO F . 15.32 -17.19 -38.59
N02 IXO F . 14.60 -15.95 -38.43
C03 IXO F . 15.12 -15.01 -39.41
C04 IXO F . 14.82 -15.46 -37.09
C05 IXO F . 13.19 -16.24 -38.61
C06 IXO F . 12.42 -15.04 -39.19
C07 IXO F . 11.76 -14.17 -39.64
C08 IXO F . 10.88 -13.04 -40.17
O09 IXO F . 10.70 -12.11 -39.16
C10 IXO F . 10.89 -10.80 -39.58
N11 IXO F . 11.76 -10.51 -40.74
O12 IXO F . 12.20 -9.24 -40.71
C13 IXO F . 12.00 -8.78 -39.24
C14 IXO F . 10.97 -9.84 -38.67
C15 2CU G . 14.81 -20.88 -47.58
C16 2CU G . 14.43 -19.79 -46.61
C18 2CU G . 16.29 -22.27 -45.95
C20 2CU G . 17.01 -23.47 -46.01
C24 2CU G . 17.75 -24.13 -44.92
C22 2CU G . 15.93 -22.90 -48.18
C10 2CU G . 14.60 -22.82 -51.94
C01 2CU G . 15.71 -26.37 -56.78
N02 2CU G . 14.53 -25.74 -56.19
C03 2CU G . 14.54 -25.87 -54.73
C04 2CU G . 15.14 -24.66 -54.07
N05 2CU G . 14.25 -23.52 -54.26
C06 2CU G . 13.65 -23.51 -55.60
C07 2CU G . 14.46 -24.32 -56.58
C08 2CU G . 13.97 -22.62 -53.31
O09 2CU G . 13.22 -21.66 -53.50
O11 2CU G . 14.21 -21.79 -51.05
C12 2CU G . 14.68 -21.85 -49.78
C13 2CU G . 14.33 -20.84 -48.89
CL1 2CU G . 13.29 -19.53 -49.37
C17 2CU G . 15.65 -21.95 -47.21
N19 2CU G . 16.17 -21.49 -44.86
S21 2CU G . 16.96 -24.16 -47.61
N23 2CU G . 15.47 -22.86 -49.44
O25 2CU G . 17.80 -23.64 -43.79
N26 2CU G . 18.36 -25.29 -45.25
C27 2CU G . 19.13 -26.05 -44.29
C28 2CU G . 20.56 -26.28 -44.63
C29 2CU G . 19.60 -27.39 -44.73
#